data_1AZX
#
_entry.id   1AZX
#
_cell.length_a   70.440
_cell.length_b   86.970
_cell.length_c   97.220
_cell.angle_alpha   90.00
_cell.angle_beta   108.88
_cell.angle_gamma   90.00
#
_symmetry.space_group_name_H-M   'P 1 21 1'
#
loop_
_entity.id
_entity.type
_entity.pdbx_description
1 polymer ANTITHROMBIN
2 branched '3,4-di-O-methyl-2,6-di-O-sulfo-alpha-D-glucopyranose-(1-4)-2,3-di-O-methyl-beta-D-glucopyranuronic acid-(1-4)-2,3,6-tri-O-sulfo-alpha-D-glucopyranose-(1-4)-3-O-methyl-2-O-sulfo-alpha-L-idopyranuronic acid-(1-4)-methyl 2,3,6-tri-O-sulfo-alpha-D-glucopyranoside'
3 non-polymer 2-acetamido-2-deoxy-beta-D-glucopyranose
#
_entity_poly.entity_id   1
_entity_poly.type   'polypeptide(L)'
_entity_poly.pdbx_seq_one_letter_code
;HGSPVDICTAKPRDIPMNPMCIYRSPEKKATEDEGSEQKIPEATNRRVWELSKANSRFATTFYQHLADSKNDNDNIFLSP
LSISTAFAMTKLGACNDTLQQLMEVFKFDTISEKTSDQIHFFFAKLNCRLYRKANKSSKLVSANRLFGDKSLTFNETYQD
ISELVYGAKLQPLDFKENAEQSRAAINKWVSNKTEGRITDVIPSEAINELTVLVLVNTIYFKGLWKSKFSPENTRKELFY
KADGESCSASMMYQEGKFRYRRVAEGTQVLELPFKGDDITMVLILPKPEKSLAKVEKELTPEVLQEWLDELEEMMLVVHM
PRFRIEDGFSLKEQLQDMGLVDLFSPEKSKLPGIVAEGRDDLYVSDAFHKAFLEVNEEGSEAAASTAVVIAGRSLNPNRV
TFKANRPFLVFIREVPLNTIIFMGRVANPCVK
;
_entity_poly.pdbx_strand_id   I,L
#
# COMPACT_ATOMS: atom_id res chain seq x y z
N GLY A 2 -2.68 12.80 5.89
CA GLY A 2 -1.84 11.58 5.67
C GLY A 2 -0.95 11.79 4.46
N SER A 3 0.22 11.14 4.46
CA SER A 3 1.18 11.24 3.38
C SER A 3 0.53 11.01 2.02
N PRO A 4 0.56 12.03 1.14
CA PRO A 4 -0.04 11.93 -0.20
C PRO A 4 1.03 11.70 -1.29
N VAL A 5 1.11 12.64 -2.23
CA VAL A 5 2.08 12.63 -3.33
C VAL A 5 1.92 11.54 -4.40
N ASP A 6 1.99 10.28 -3.99
CA ASP A 6 1.87 9.14 -4.91
C ASP A 6 0.87 9.39 -6.04
N ILE A 7 -0.42 9.32 -5.73
CA ILE A 7 -1.47 9.54 -6.73
C ILE A 7 -1.79 11.02 -6.92
N CYS A 8 -1.14 11.86 -6.13
CA CYS A 8 -1.36 13.31 -6.17
C CYS A 8 -0.82 14.03 -7.41
N THR A 9 0.16 13.42 -8.07
CA THR A 9 0.76 14.00 -9.27
C THR A 9 0.60 13.04 -10.43
N ALA A 10 0.24 11.80 -10.11
CA ALA A 10 0.07 10.74 -11.09
C ALA A 10 -1.11 10.92 -12.03
N LYS A 11 -0.88 10.66 -13.31
CA LYS A 11 -1.92 10.73 -14.33
C LYS A 11 -2.62 9.38 -14.32
N PRO A 12 -3.83 9.29 -14.89
CA PRO A 12 -4.54 8.01 -14.91
C PRO A 12 -3.71 6.84 -15.43
N ARG A 13 -2.94 7.09 -16.48
CA ARG A 13 -2.10 6.05 -17.08
C ARG A 13 -0.97 5.54 -16.18
N ASP A 14 -0.52 6.37 -15.24
CA ASP A 14 0.55 6.00 -14.33
C ASP A 14 0.22 4.71 -13.60
N ILE A 15 -1.08 4.45 -13.46
CA ILE A 15 -1.58 3.25 -12.80
C ILE A 15 -2.94 2.84 -13.37
N PRO A 16 -2.96 1.91 -14.34
CA PRO A 16 -4.20 1.42 -14.97
C PRO A 16 -5.23 1.04 -13.90
N MET A 17 -6.47 1.48 -14.10
CA MET A 17 -7.52 1.24 -13.11
C MET A 17 -8.93 1.15 -13.71
N ASN A 18 -9.14 0.16 -14.57
CA ASN A 18 -10.43 -0.03 -15.22
C ASN A 18 -11.37 -0.82 -14.31
N PRO A 19 -12.58 -0.31 -14.05
CA PRO A 19 -13.53 -1.01 -13.20
C PRO A 19 -14.08 -2.23 -13.96
N MET A 20 -14.73 -3.14 -13.25
CA MET A 20 -15.30 -4.32 -13.87
C MET A 20 -16.44 -3.92 -14.81
N CYS A 21 -17.53 -3.42 -14.25
CA CYS A 21 -18.67 -3.00 -15.05
C CYS A 21 -18.59 -1.48 -15.30
N ILE A 22 -19.30 -1.00 -16.33
CA ILE A 22 -19.34 0.43 -16.65
C ILE A 22 -20.80 0.84 -16.79
N TYR A 23 -21.05 2.14 -16.85
CA TYR A 23 -22.41 2.66 -16.97
C TYR A 23 -22.52 3.95 -17.79
N ARG A 24 -23.47 3.95 -18.71
CA ARG A 24 -23.77 5.11 -19.55
C ARG A 24 -25.22 5.02 -20.00
N SER A 25 -25.86 6.18 -20.12
CA SER A 25 -27.27 6.27 -20.50
C SER A 25 -27.51 7.57 -21.29
N LYS A 39 -17.98 29.03 -17.96
CA LYS A 39 -17.65 29.20 -16.52
C LYS A 39 -16.71 28.07 -16.13
N ILE A 40 -15.70 28.38 -15.32
CA ILE A 40 -14.72 27.40 -14.86
C ILE A 40 -13.59 28.14 -14.15
N PRO A 41 -13.10 27.59 -13.02
CA PRO A 41 -12.02 28.19 -12.23
C PRO A 41 -10.67 28.14 -12.94
N GLU A 42 -9.69 28.85 -12.40
CA GLU A 42 -8.36 28.90 -13.00
C GLU A 42 -7.47 27.75 -12.54
N ALA A 43 -6.58 27.31 -13.44
CA ALA A 43 -5.65 26.20 -13.18
C ALA A 43 -6.32 25.04 -12.44
N THR A 44 -7.39 24.52 -13.05
CA THR A 44 -8.15 23.42 -12.47
C THR A 44 -8.41 22.37 -13.54
N ASN A 45 -8.40 21.09 -13.14
CA ASN A 45 -8.64 20.01 -14.08
C ASN A 45 -10.14 19.86 -14.35
N ARG A 46 -10.54 20.09 -15.60
CA ARG A 46 -11.95 20.02 -16.02
C ARG A 46 -12.72 18.79 -15.49
N ARG A 47 -12.12 17.61 -15.60
CA ARG A 47 -12.76 16.38 -15.14
C ARG A 47 -13.01 16.40 -13.64
N VAL A 48 -12.12 17.05 -12.90
CA VAL A 48 -12.28 17.17 -11.45
C VAL A 48 -13.40 18.17 -11.18
N TRP A 49 -13.35 19.30 -11.86
CA TRP A 49 -14.34 20.35 -11.72
C TRP A 49 -15.75 19.80 -11.94
N GLU A 50 -15.94 19.06 -13.03
CA GLU A 50 -17.27 18.51 -13.31
C GLU A 50 -17.69 17.51 -12.24
N LEU A 51 -16.72 16.89 -11.59
CA LEU A 51 -16.99 15.93 -10.53
C LEU A 51 -17.40 16.71 -9.29
N SER A 52 -16.75 17.84 -9.06
CA SER A 52 -17.03 18.69 -7.91
C SER A 52 -18.45 19.23 -8.01
N LYS A 53 -18.86 19.59 -9.21
CA LYS A 53 -20.20 20.11 -9.41
C LYS A 53 -21.23 19.05 -9.07
N ALA A 54 -20.92 17.80 -9.41
CA ALA A 54 -21.83 16.67 -9.15
C ALA A 54 -22.05 16.48 -7.66
N ASN A 55 -20.97 16.50 -6.89
CA ASN A 55 -21.06 16.33 -5.44
C ASN A 55 -21.96 17.39 -4.81
N SER A 56 -21.80 18.64 -5.23
CA SER A 56 -22.61 19.72 -4.72
C SER A 56 -24.08 19.41 -4.94
N ARG A 57 -24.44 18.99 -6.15
CA ARG A 57 -25.83 18.64 -6.47
C ARG A 57 -26.34 17.61 -5.46
N PHE A 58 -25.59 16.52 -5.29
CA PHE A 58 -25.95 15.47 -4.35
C PHE A 58 -26.05 16.01 -2.92
N ALA A 59 -25.11 16.87 -2.55
CA ALA A 59 -25.07 17.47 -1.21
C ALA A 59 -26.38 18.11 -0.81
N THR A 60 -26.94 18.89 -1.73
CA THR A 60 -28.20 19.56 -1.46
C THR A 60 -29.35 18.58 -1.27
N THR A 61 -29.46 17.60 -2.17
CA THR A 61 -30.51 16.58 -2.09
C THR A 61 -30.42 15.75 -0.80
N PHE A 62 -29.23 15.26 -0.48
CA PHE A 62 -29.05 14.46 0.73
C PHE A 62 -29.35 15.31 1.96
N TYR A 63 -28.89 16.56 1.96
CA TYR A 63 -29.14 17.47 3.07
C TYR A 63 -30.62 17.75 3.21
N GLN A 64 -31.27 18.12 2.11
CA GLN A 64 -32.70 18.43 2.15
C GLN A 64 -33.49 17.26 2.70
N HIS A 65 -33.08 16.04 2.33
CA HIS A 65 -33.74 14.82 2.78
C HIS A 65 -33.50 14.62 4.29
N LEU A 66 -32.24 14.79 4.69
CA LEU A 66 -31.85 14.64 6.09
C LEU A 66 -32.55 15.65 6.99
N ALA A 67 -32.38 16.93 6.68
CA ALA A 67 -32.98 18.02 7.45
C ALA A 67 -34.47 17.82 7.65
N ASP A 68 -35.16 17.42 6.58
CA ASP A 68 -36.59 17.21 6.59
C ASP A 68 -37.03 16.08 7.53
N SER A 69 -36.12 15.15 7.77
CA SER A 69 -36.39 14.01 8.63
C SER A 69 -35.97 14.17 10.08
N LYS A 70 -35.58 15.38 10.47
CA LYS A 70 -35.14 15.64 11.83
C LYS A 70 -35.95 16.75 12.48
N ASN A 71 -35.68 17.03 13.75
CA ASN A 71 -36.39 18.09 14.45
C ASN A 71 -35.70 19.42 14.18
N ASP A 72 -36.52 20.46 13.99
CA ASP A 72 -36.03 21.80 13.70
C ASP A 72 -35.00 22.35 14.68
N ASN A 73 -35.06 21.88 15.93
CA ASN A 73 -34.17 22.32 16.98
C ASN A 73 -32.85 21.57 17.10
N ASP A 74 -32.58 20.65 16.18
CA ASP A 74 -31.34 19.89 16.24
C ASP A 74 -30.25 20.48 15.36
N ASN A 75 -29.00 20.25 15.76
CA ASN A 75 -27.86 20.73 14.99
C ASN A 75 -27.56 19.64 13.95
N ILE A 76 -26.85 19.99 12.89
CA ILE A 76 -26.51 19.00 11.88
C ILE A 76 -25.10 19.31 11.38
N PHE A 77 -24.37 18.27 10.96
CA PHE A 77 -23.03 18.44 10.44
C PHE A 77 -22.55 17.18 9.74
N LEU A 78 -22.19 17.32 8.47
CA LEU A 78 -21.70 16.20 7.68
C LEU A 78 -20.76 16.72 6.59
N SER A 79 -20.26 15.80 5.77
CA SER A 79 -19.38 16.16 4.66
C SER A 79 -19.82 15.35 3.46
N PRO A 80 -20.66 15.93 2.59
CA PRO A 80 -21.15 15.25 1.39
C PRO A 80 -20.02 14.71 0.51
N LEU A 81 -18.85 15.34 0.58
CA LEU A 81 -17.69 14.90 -0.19
C LEU A 81 -17.20 13.53 0.30
N SER A 82 -17.17 13.33 1.62
CA SER A 82 -16.72 12.06 2.19
C SER A 82 -17.67 10.96 1.76
N ILE A 83 -18.96 11.16 2.03
CA ILE A 83 -19.99 10.19 1.68
C ILE A 83 -19.87 9.81 0.19
N SER A 84 -19.72 10.82 -0.65
CA SER A 84 -19.58 10.63 -2.09
C SER A 84 -18.35 9.80 -2.42
N THR A 85 -17.21 10.16 -1.84
CA THR A 85 -15.98 9.42 -2.08
C THR A 85 -16.15 7.99 -1.58
N ALA A 86 -16.85 7.84 -0.46
CA ALA A 86 -17.08 6.52 0.14
C ALA A 86 -17.77 5.61 -0.84
N PHE A 87 -18.90 6.07 -1.35
CA PHE A 87 -19.66 5.28 -2.31
C PHE A 87 -19.05 5.19 -3.69
N ALA A 88 -18.02 5.99 -3.95
CA ALA A 88 -17.31 5.92 -5.22
C ALA A 88 -16.50 4.63 -5.16
N MET A 89 -16.02 4.29 -3.96
CA MET A 89 -15.24 3.07 -3.76
C MET A 89 -16.10 1.85 -4.11
N THR A 90 -17.31 1.79 -3.59
CA THR A 90 -18.20 0.66 -3.88
C THR A 90 -18.61 0.71 -5.34
N LYS A 91 -18.70 1.91 -5.88
CA LYS A 91 -19.05 2.10 -7.29
C LYS A 91 -18.02 1.34 -8.11
N LEU A 92 -16.76 1.46 -7.71
CA LEU A 92 -15.64 0.80 -8.38
C LEU A 92 -15.78 -0.72 -8.60
N GLY A 93 -16.67 -1.36 -7.87
CA GLY A 93 -16.86 -2.79 -8.03
C GLY A 93 -18.30 -3.24 -8.18
N ALA A 94 -19.22 -2.29 -8.30
CA ALA A 94 -20.65 -2.59 -8.43
C ALA A 94 -21.05 -2.90 -9.87
N CYS A 95 -22.16 -3.62 -10.03
CA CYS A 95 -22.67 -4.00 -11.34
C CYS A 95 -24.20 -4.00 -11.40
N ASN A 96 -24.72 -4.26 -12.60
CA ASN A 96 -26.16 -4.33 -12.86
C ASN A 96 -26.94 -3.12 -12.28
N ASP A 97 -28.05 -3.39 -11.60
CA ASP A 97 -28.84 -2.32 -11.02
C ASP A 97 -28.14 -1.59 -9.90
N THR A 98 -27.25 -2.28 -9.17
CA THR A 98 -26.52 -1.65 -8.07
C THR A 98 -25.72 -0.46 -8.62
N LEU A 99 -25.03 -0.67 -9.74
CA LEU A 99 -24.25 0.37 -10.37
C LEU A 99 -25.13 1.53 -10.85
N GLN A 100 -26.27 1.19 -11.47
CA GLN A 100 -27.19 2.21 -11.96
C GLN A 100 -27.78 3.04 -10.82
N GLN A 101 -28.21 2.37 -9.75
CA GLN A 101 -28.76 3.06 -8.61
C GLN A 101 -27.69 3.97 -8.01
N LEU A 102 -26.48 3.44 -7.87
CA LEU A 102 -25.37 4.20 -7.30
C LEU A 102 -25.09 5.46 -8.12
N MET A 103 -24.99 5.29 -9.43
CA MET A 103 -24.72 6.41 -10.33
C MET A 103 -25.80 7.50 -10.27
N GLU A 104 -27.05 7.09 -10.24
CA GLU A 104 -28.18 8.01 -10.20
C GLU A 104 -28.29 8.73 -8.86
N VAL A 105 -28.31 7.98 -7.76
CA VAL A 105 -28.43 8.57 -6.42
C VAL A 105 -27.40 9.65 -6.13
N PHE A 106 -26.13 9.36 -6.43
CA PHE A 106 -25.06 10.31 -6.18
C PHE A 106 -24.78 11.30 -7.32
N LYS A 107 -25.73 11.39 -8.25
CA LYS A 107 -25.66 12.28 -9.40
C LYS A 107 -24.43 12.06 -10.26
N PHE A 108 -23.84 10.87 -10.18
CA PHE A 108 -22.64 10.55 -10.95
C PHE A 108 -22.91 10.37 -12.44
N ASP A 109 -24.09 9.87 -12.77
CA ASP A 109 -24.47 9.61 -14.16
C ASP A 109 -24.39 10.78 -15.16
N THR A 110 -24.26 12.00 -14.64
CA THR A 110 -24.19 13.18 -15.50
C THR A 110 -22.80 13.54 -16.01
N ILE A 111 -21.77 12.90 -15.45
CA ILE A 111 -20.39 13.19 -15.87
C ILE A 111 -19.99 12.54 -17.19
N SER A 112 -18.83 12.93 -17.69
CA SER A 112 -18.31 12.40 -18.95
C SER A 112 -17.83 10.96 -18.81
N GLU A 113 -17.75 10.26 -19.93
CA GLU A 113 -17.32 8.86 -19.98
C GLU A 113 -16.07 8.56 -19.17
N LYS A 114 -14.93 9.10 -19.61
CA LYS A 114 -13.65 8.88 -18.95
C LYS A 114 -13.69 9.20 -17.46
N THR A 115 -14.22 10.37 -17.13
CA THR A 115 -14.31 10.78 -15.73
C THR A 115 -15.13 9.72 -14.97
N SER A 116 -16.23 9.28 -15.56
CA SER A 116 -17.09 8.27 -14.95
C SER A 116 -16.29 7.02 -14.63
N ASP A 117 -15.69 6.41 -15.65
CA ASP A 117 -14.91 5.20 -15.46
C ASP A 117 -13.78 5.39 -14.46
N GLN A 118 -13.12 6.53 -14.54
CA GLN A 118 -12.02 6.81 -13.62
C GLN A 118 -12.48 7.68 -12.46
N ILE A 119 -13.78 7.66 -12.18
CA ILE A 119 -14.35 8.45 -11.10
C ILE A 119 -13.64 8.19 -9.78
N HIS A 120 -13.23 6.95 -9.55
CA HIS A 120 -12.52 6.58 -8.33
C HIS A 120 -11.19 7.34 -8.28
N PHE A 121 -10.59 7.57 -9.45
CA PHE A 121 -9.32 8.26 -9.56
C PHE A 121 -9.44 9.78 -9.44
N PHE A 122 -10.43 10.37 -10.10
CA PHE A 122 -10.63 11.81 -10.05
C PHE A 122 -11.03 12.29 -8.65
N PHE A 123 -11.47 11.35 -7.83
CA PHE A 123 -11.81 11.66 -6.45
C PHE A 123 -10.50 11.87 -5.73
N ALA A 124 -9.53 10.98 -5.98
CA ALA A 124 -8.21 11.11 -5.38
C ALA A 124 -7.62 12.46 -5.77
N LYS A 125 -7.96 12.93 -6.96
CA LYS A 125 -7.48 14.22 -7.46
C LYS A 125 -8.12 15.36 -6.65
N LEU A 126 -9.45 15.32 -6.54
CA LEU A 126 -10.20 16.33 -5.80
C LEU A 126 -9.82 16.36 -4.32
N ASN A 127 -9.69 15.18 -3.72
CA ASN A 127 -9.34 15.07 -2.30
C ASN A 127 -7.94 15.57 -2.03
N CYS A 128 -6.99 15.19 -2.87
CA CYS A 128 -5.62 15.62 -2.73
C CYS A 128 -5.55 17.16 -2.80
N ARG A 129 -6.16 17.71 -3.84
CA ARG A 129 -6.21 19.17 -4.06
C ARG A 129 -6.71 19.89 -2.83
N LEU A 130 -7.89 19.50 -2.37
CA LEU A 130 -8.52 20.10 -1.19
C LEU A 130 -7.79 19.86 0.12
N TYR A 131 -7.18 18.69 0.29
CA TYR A 131 -6.48 18.43 1.53
C TYR A 131 -5.29 19.36 1.72
N ARG A 132 -4.50 19.53 0.66
CA ARG A 132 -3.34 20.40 0.74
C ARG A 132 -3.76 21.80 1.20
N LYS A 133 -4.65 22.41 0.43
CA LYS A 133 -5.16 23.74 0.72
C LYS A 133 -5.83 23.88 2.09
N ALA A 134 -6.28 22.76 2.65
CA ALA A 134 -6.93 22.77 3.93
C ALA A 134 -5.97 22.67 5.11
N ASN A 135 -5.22 21.58 5.17
CA ASN A 135 -4.28 21.35 6.26
C ASN A 135 -3.08 22.31 6.31
N LYS A 136 -2.99 23.19 5.32
CA LYS A 136 -1.89 24.16 5.26
C LYS A 136 -1.86 25.05 6.50
N SER A 137 -3.03 25.28 7.10
CA SER A 137 -3.14 26.10 8.29
C SER A 137 -4.34 25.73 9.16
N SER A 138 -5.28 24.96 8.61
CA SER A 138 -6.48 24.54 9.35
C SER A 138 -6.43 23.06 9.74
N LYS A 139 -6.99 22.73 10.90
CA LYS A 139 -7.00 21.36 11.39
C LYS A 139 -8.01 20.47 10.69
N LEU A 140 -7.51 19.59 9.83
CA LEU A 140 -8.34 18.64 9.08
C LEU A 140 -7.79 17.23 9.25
N VAL A 141 -8.60 16.35 9.82
CA VAL A 141 -8.21 14.96 10.04
C VAL A 141 -9.33 13.99 9.66
N SER A 142 -9.02 13.06 8.75
CA SER A 142 -9.99 12.08 8.29
C SER A 142 -9.72 10.73 8.91
N ALA A 143 -10.61 9.78 8.63
CA ALA A 143 -10.53 8.41 9.12
C ALA A 143 -11.64 7.62 8.46
N ASN A 144 -11.40 7.18 7.23
CA ASN A 144 -12.40 6.41 6.47
C ASN A 144 -11.85 5.20 5.71
N ARG A 145 -12.42 4.04 5.99
CA ARG A 145 -12.00 2.79 5.37
C ARG A 145 -13.16 1.79 5.41
N LEU A 146 -13.17 0.84 4.48
CA LEU A 146 -14.20 -0.20 4.45
C LEU A 146 -13.66 -1.40 5.21
N PHE A 147 -14.56 -2.13 5.85
CA PHE A 147 -14.20 -3.31 6.60
C PHE A 147 -15.07 -4.45 6.11
N GLY A 148 -14.46 -5.57 5.77
CA GLY A 148 -15.20 -6.71 5.28
C GLY A 148 -14.92 -7.93 6.13
N ASP A 149 -15.80 -8.92 6.06
CA ASP A 149 -15.65 -10.13 6.85
C ASP A 149 -14.42 -10.91 6.42
N LYS A 150 -13.66 -11.37 7.40
CA LYS A 150 -12.44 -12.15 7.20
C LYS A 150 -12.70 -13.41 6.37
N SER A 151 -13.90 -13.96 6.51
CA SER A 151 -14.30 -15.18 5.82
C SER A 151 -14.55 -15.02 4.33
N LEU A 152 -13.70 -14.26 3.63
CA LEU A 152 -13.87 -14.04 2.20
C LEU A 152 -12.55 -13.58 1.61
N THR A 153 -12.41 -13.76 0.29
CA THR A 153 -11.21 -13.34 -0.42
C THR A 153 -11.65 -12.19 -1.32
N PHE A 154 -11.09 -11.02 -1.09
CA PHE A 154 -11.45 -9.85 -1.89
C PHE A 154 -10.52 -9.70 -3.08
N ASN A 155 -11.05 -9.15 -4.16
CA ASN A 155 -10.28 -8.95 -5.37
C ASN A 155 -9.06 -8.07 -5.11
N GLU A 156 -7.89 -8.70 -5.15
CA GLU A 156 -6.62 -8.03 -4.92
C GLU A 156 -6.35 -6.83 -5.82
N THR A 157 -6.79 -6.90 -7.07
CA THR A 157 -6.60 -5.77 -7.99
C THR A 157 -7.36 -4.57 -7.42
N TYR A 158 -8.60 -4.83 -6.98
CA TYR A 158 -9.45 -3.80 -6.38
C TYR A 158 -8.73 -3.24 -5.18
N GLN A 159 -8.24 -4.15 -4.32
CA GLN A 159 -7.52 -3.78 -3.12
C GLN A 159 -6.34 -2.84 -3.38
N ASP A 160 -5.50 -3.17 -4.35
CA ASP A 160 -4.36 -2.33 -4.68
C ASP A 160 -4.79 -0.92 -5.07
N ILE A 161 -5.83 -0.83 -5.90
CA ILE A 161 -6.37 0.46 -6.33
C ILE A 161 -6.82 1.28 -5.10
N SER A 162 -7.66 0.67 -4.27
CA SER A 162 -8.17 1.33 -3.07
C SER A 162 -7.04 1.80 -2.15
N GLU A 163 -5.97 1.02 -2.11
CA GLU A 163 -4.80 1.33 -1.29
C GLU A 163 -4.20 2.68 -1.66
N LEU A 164 -4.05 2.89 -2.97
CA LEU A 164 -3.46 4.11 -3.52
C LEU A 164 -4.46 5.25 -3.55
N VAL A 165 -5.55 5.02 -4.28
CA VAL A 165 -6.62 6.00 -4.48
C VAL A 165 -7.44 6.39 -3.24
N TYR A 166 -7.61 5.45 -2.30
CA TYR A 166 -8.40 5.73 -1.09
C TYR A 166 -7.57 5.77 0.19
N GLY A 167 -6.26 5.55 0.05
CA GLY A 167 -5.39 5.59 1.21
C GLY A 167 -5.17 4.29 1.97
N ALA A 168 -6.12 3.36 1.85
CA ALA A 168 -6.02 2.07 2.53
C ALA A 168 -6.96 1.07 1.88
N LYS A 169 -6.53 -0.19 1.83
CA LYS A 169 -7.35 -1.23 1.21
C LYS A 169 -8.27 -1.85 2.24
N LEU A 170 -9.36 -2.45 1.76
CA LEU A 170 -10.38 -3.08 2.61
C LEU A 170 -9.76 -3.99 3.68
N GLN A 171 -10.02 -3.69 4.94
CA GLN A 171 -9.48 -4.48 6.05
C GLN A 171 -10.45 -5.56 6.51
N PRO A 172 -10.08 -6.83 6.33
CA PRO A 172 -10.92 -7.97 6.73
C PRO A 172 -11.02 -8.07 8.25
N LEU A 173 -12.19 -8.41 8.76
CA LEU A 173 -12.41 -8.54 10.20
C LEU A 173 -13.36 -9.70 10.49
N ASP A 174 -13.18 -10.33 11.64
CA ASP A 174 -14.01 -11.47 12.03
C ASP A 174 -15.37 -11.06 12.61
N PHE A 175 -16.28 -10.63 11.74
CA PHE A 175 -17.62 -10.26 12.16
C PHE A 175 -18.41 -11.52 12.50
N LYS A 176 -18.11 -12.58 11.76
CA LYS A 176 -18.77 -13.87 11.94
C LYS A 176 -18.67 -14.47 13.34
N GLU A 177 -17.46 -14.50 13.91
CA GLU A 177 -17.30 -15.06 15.24
C GLU A 177 -17.11 -13.99 16.32
N ASN A 178 -16.27 -12.99 16.04
CA ASN A 178 -16.01 -11.92 17.02
C ASN A 178 -16.58 -10.56 16.64
N ALA A 179 -17.90 -10.47 16.54
CA ALA A 179 -18.59 -9.23 16.19
C ALA A 179 -18.23 -8.01 17.06
N GLU A 180 -18.24 -8.17 18.38
CA GLU A 180 -17.94 -7.05 19.27
C GLU A 180 -16.49 -6.57 19.14
N GLN A 181 -15.54 -7.48 19.38
CA GLN A 181 -14.13 -7.13 19.28
C GLN A 181 -13.79 -6.50 17.94
N SER A 182 -14.57 -6.86 16.90
CA SER A 182 -14.38 -6.30 15.57
C SER A 182 -14.83 -4.84 15.60
N ARG A 183 -16.01 -4.61 16.16
CA ARG A 183 -16.57 -3.25 16.28
C ARG A 183 -15.58 -2.40 17.05
N ALA A 184 -15.09 -2.94 18.15
CA ALA A 184 -14.11 -2.27 19.00
C ALA A 184 -12.89 -1.89 18.17
N ALA A 185 -12.29 -2.89 17.52
CA ALA A 185 -11.11 -2.67 16.70
C ALA A 185 -11.28 -1.50 15.75
N ILE A 186 -12.41 -1.49 15.04
CA ILE A 186 -12.72 -0.44 14.09
C ILE A 186 -12.75 0.93 14.78
N ASN A 187 -13.55 1.05 15.84
CA ASN A 187 -13.65 2.29 16.57
C ASN A 187 -12.27 2.73 17.08
N LYS A 188 -11.46 1.74 17.48
CA LYS A 188 -10.12 2.04 17.98
C LYS A 188 -9.26 2.62 16.86
N TRP A 189 -9.42 2.07 15.65
CA TRP A 189 -8.67 2.53 14.48
C TRP A 189 -9.00 3.98 14.18
N VAL A 190 -10.29 4.30 14.23
CA VAL A 190 -10.77 5.66 13.95
C VAL A 190 -10.12 6.68 14.88
N SER A 191 -10.34 6.53 16.18
CA SER A 191 -9.76 7.45 17.16
C SER A 191 -8.25 7.55 16.97
N ASN A 192 -7.63 6.43 16.65
CA ASN A 192 -6.19 6.39 16.43
C ASN A 192 -5.81 7.44 15.38
N LYS A 193 -6.46 7.40 14.23
CA LYS A 193 -6.16 8.33 13.15
C LYS A 193 -6.55 9.80 13.40
N THR A 194 -7.70 10.01 14.03
CA THR A 194 -8.17 11.37 14.27
C THR A 194 -7.64 12.02 15.55
N GLU A 195 -6.54 11.50 16.07
CA GLU A 195 -5.94 12.04 17.29
C GLU A 195 -6.93 12.11 18.46
N GLY A 196 -7.76 11.07 18.57
CA GLY A 196 -8.74 11.01 19.63
C GLY A 196 -9.98 11.84 19.46
N ARG A 197 -10.17 12.44 18.29
CA ARG A 197 -11.35 13.29 18.05
C ARG A 197 -12.62 12.51 17.76
N ILE A 198 -12.59 11.68 16.74
CA ILE A 198 -13.76 10.88 16.37
C ILE A 198 -13.68 9.58 17.16
N THR A 199 -14.62 9.36 18.06
CA THR A 199 -14.62 8.14 18.87
C THR A 199 -15.59 7.07 18.37
N ASP A 200 -16.53 6.64 19.21
CA ASP A 200 -17.48 5.59 18.84
C ASP A 200 -18.29 5.83 17.57
N VAL A 201 -17.67 5.54 16.42
CA VAL A 201 -18.32 5.69 15.13
C VAL A 201 -19.42 4.65 15.04
N ILE A 202 -19.07 3.43 15.45
CA ILE A 202 -19.98 2.30 15.44
C ILE A 202 -20.43 2.00 16.86
N PRO A 203 -21.71 2.22 17.16
CA PRO A 203 -22.29 1.98 18.48
C PRO A 203 -22.49 0.50 18.79
N SER A 204 -22.77 0.19 20.05
CA SER A 204 -22.99 -1.18 20.48
C SER A 204 -24.17 -1.82 19.77
N GLU A 205 -24.03 -3.11 19.45
CA GLU A 205 -25.07 -3.89 18.77
C GLU A 205 -25.22 -3.57 17.28
N ALA A 206 -24.57 -2.48 16.84
CA ALA A 206 -24.63 -2.07 15.43
C ALA A 206 -24.05 -3.14 14.53
N ILE A 207 -23.08 -3.89 15.05
CA ILE A 207 -22.45 -4.98 14.30
C ILE A 207 -22.76 -6.28 15.01
N ASN A 208 -23.03 -7.32 14.22
CA ASN A 208 -23.33 -8.64 14.75
C ASN A 208 -22.76 -9.70 13.81
N GLU A 209 -22.95 -10.97 14.14
CA GLU A 209 -22.44 -12.08 13.34
C GLU A 209 -22.90 -12.10 11.87
N LEU A 210 -24.01 -11.43 11.59
CA LEU A 210 -24.56 -11.37 10.24
C LEU A 210 -23.93 -10.26 9.39
N THR A 211 -22.93 -9.58 9.94
CA THR A 211 -22.24 -8.50 9.24
C THR A 211 -21.22 -9.04 8.23
N VAL A 212 -21.14 -8.40 7.07
CA VAL A 212 -20.20 -8.82 6.02
C VAL A 212 -19.35 -7.67 5.50
N LEU A 213 -19.90 -6.46 5.47
CA LEU A 213 -19.18 -5.30 4.98
C LEU A 213 -19.75 -4.04 5.60
N VAL A 214 -18.86 -3.16 6.06
CA VAL A 214 -19.25 -1.91 6.69
C VAL A 214 -18.37 -0.81 6.12
N LEU A 215 -18.98 0.33 5.82
CA LEU A 215 -18.24 1.47 5.31
C LEU A 215 -18.16 2.46 6.46
N VAL A 216 -16.96 2.98 6.70
CA VAL A 216 -16.77 3.95 7.77
C VAL A 216 -16.09 5.17 7.19
N ASN A 217 -16.71 6.33 7.38
CA ASN A 217 -16.16 7.60 6.91
C ASN A 217 -16.35 8.67 7.98
N THR A 218 -15.24 9.11 8.57
CA THR A 218 -15.28 10.12 9.61
C THR A 218 -14.33 11.27 9.30
N ILE A 219 -14.61 12.44 9.87
CA ILE A 219 -13.79 13.61 9.61
C ILE A 219 -13.99 14.70 10.68
N TYR A 220 -12.88 15.29 11.12
CA TYR A 220 -12.89 16.36 12.12
C TYR A 220 -12.33 17.64 11.47
N PHE A 221 -12.77 18.79 11.96
CA PHE A 221 -12.29 20.06 11.42
C PHE A 221 -12.38 21.24 12.39
N LYS A 222 -11.42 22.15 12.22
CA LYS A 222 -11.31 23.38 12.99
C LYS A 222 -10.39 24.24 12.13
N GLY A 223 -10.96 25.25 11.47
CA GLY A 223 -10.16 26.11 10.61
C GLY A 223 -9.63 27.35 11.29
N LEU A 224 -8.50 27.85 10.81
CA LEU A 224 -7.91 29.03 11.38
C LEU A 224 -8.59 30.30 10.89
N TRP A 225 -9.28 31.00 11.80
CA TRP A 225 -9.98 32.24 11.46
C TRP A 225 -9.02 33.31 10.96
N LYS A 226 -9.17 33.72 9.70
CA LYS A 226 -8.32 34.77 9.14
C LYS A 226 -8.53 36.04 9.99
N SER A 227 -9.76 36.21 10.48
CA SER A 227 -10.12 37.33 11.34
C SER A 227 -10.67 36.75 12.63
N LYS A 228 -9.77 36.49 13.59
CA LYS A 228 -10.16 35.90 14.86
C LYS A 228 -10.86 36.84 15.82
N PHE A 229 -11.80 36.27 16.56
CA PHE A 229 -12.57 36.99 17.56
C PHE A 229 -11.72 37.05 18.83
N SER A 230 -11.89 38.11 19.61
CA SER A 230 -11.15 38.25 20.85
C SER A 230 -12.05 37.72 21.94
N PRO A 231 -11.51 36.90 22.85
CA PRO A 231 -12.35 36.37 23.93
C PRO A 231 -12.81 37.49 24.85
N GLU A 232 -12.03 38.57 24.91
CA GLU A 232 -12.40 39.70 25.77
C GLU A 232 -13.69 40.42 25.35
N ASN A 233 -14.41 39.86 24.37
CA ASN A 233 -15.64 40.48 23.91
C ASN A 233 -16.82 39.52 23.94
N THR A 234 -16.52 38.23 24.06
CA THR A 234 -17.55 37.22 24.11
C THR A 234 -18.48 37.50 25.28
N ARG A 235 -19.77 37.52 25.01
CA ARG A 235 -20.77 37.79 26.02
C ARG A 235 -21.80 36.68 25.98
N LYS A 236 -22.48 36.49 27.10
CA LYS A 236 -23.54 35.48 27.18
C LYS A 236 -24.74 36.24 26.63
N GLU A 237 -25.36 35.70 25.59
CA GLU A 237 -26.48 36.38 24.95
C GLU A 237 -27.52 35.38 24.50
N LEU A 238 -28.76 35.80 24.48
CA LEU A 238 -29.86 34.93 24.08
C LEU A 238 -29.85 34.54 22.60
N PHE A 239 -30.20 33.27 22.35
CA PHE A 239 -30.30 32.70 21.02
C PHE A 239 -31.79 32.35 20.95
N TYR A 240 -32.37 32.42 19.75
CA TYR A 240 -33.79 32.12 19.63
C TYR A 240 -34.05 30.89 18.78
N LYS A 241 -34.51 29.84 19.47
CA LYS A 241 -34.78 28.54 18.84
C LYS A 241 -36.13 28.40 18.15
N ALA A 242 -36.20 27.46 17.23
CA ALA A 242 -37.40 27.17 16.45
C ALA A 242 -38.62 26.82 17.30
N ASP A 243 -38.40 26.29 18.49
CA ASP A 243 -39.51 25.93 19.37
C ASP A 243 -40.10 27.16 20.07
N GLY A 244 -39.62 28.34 19.66
CA GLY A 244 -40.10 29.57 20.25
C GLY A 244 -39.60 29.74 21.67
N GLU A 245 -38.35 29.39 21.91
CA GLU A 245 -37.79 29.53 23.24
C GLU A 245 -36.40 30.16 23.16
N SER A 246 -36.02 30.86 24.23
CA SER A 246 -34.72 31.51 24.29
C SER A 246 -33.64 30.52 24.69
N CYS A 247 -32.40 30.98 24.65
CA CYS A 247 -31.27 30.11 24.92
C CYS A 247 -30.08 31.01 25.26
N SER A 248 -29.34 30.68 26.31
CA SER A 248 -28.18 31.51 26.65
C SER A 248 -26.94 30.91 25.99
N ALA A 249 -26.36 31.65 25.05
CA ALA A 249 -25.19 31.18 24.33
C ALA A 249 -24.04 32.14 24.51
N SER A 250 -22.83 31.65 24.25
CA SER A 250 -21.64 32.48 24.35
C SER A 250 -21.46 33.11 22.98
N MET A 251 -21.95 34.35 22.85
CA MET A 251 -21.88 35.08 21.59
C MET A 251 -20.52 35.74 21.37
N MET A 252 -20.04 35.69 20.14
CA MET A 252 -18.77 36.30 19.75
C MET A 252 -19.10 37.54 18.93
N TYR A 253 -18.21 38.53 18.95
CA TYR A 253 -18.43 39.78 18.23
C TYR A 253 -17.12 40.31 17.64
N GLN A 254 -17.22 41.05 16.54
CA GLN A 254 -16.06 41.66 15.90
C GLN A 254 -16.51 42.56 14.76
N GLU A 255 -15.65 43.48 14.33
CA GLU A 255 -15.96 44.40 13.23
C GLU A 255 -14.83 44.25 12.22
N GLY A 256 -15.17 44.19 10.94
CA GLY A 256 -14.15 44.03 9.93
C GLY A 256 -14.71 43.90 8.54
N LYS A 257 -13.83 43.73 7.57
CA LYS A 257 -14.22 43.61 6.17
C LYS A 257 -14.48 42.15 5.82
N PHE A 258 -15.75 41.84 5.52
CA PHE A 258 -16.19 40.50 5.17
C PHE A 258 -17.08 40.55 3.93
N ARG A 259 -17.02 39.52 3.09
CA ARG A 259 -17.88 39.48 1.91
C ARG A 259 -19.27 39.12 2.43
N TYR A 260 -20.20 40.04 2.30
CA TYR A 260 -21.55 39.85 2.81
C TYR A 260 -22.62 40.19 1.77
N ARG A 261 -23.85 39.72 1.99
CA ARG A 261 -24.94 39.98 1.07
C ARG A 261 -26.32 39.80 1.70
N ARG A 262 -27.24 40.69 1.37
CA ARG A 262 -28.59 40.60 1.87
C ARG A 262 -29.43 40.24 0.64
N VAL A 263 -29.83 38.97 0.59
CA VAL A 263 -30.59 38.44 -0.54
C VAL A 263 -32.10 38.52 -0.36
N ALA A 264 -32.81 37.76 -1.20
CA ALA A 264 -34.26 37.71 -1.19
C ALA A 264 -34.80 37.33 0.19
N GLU A 265 -35.84 38.04 0.59
CA GLU A 265 -36.53 37.82 1.86
C GLU A 265 -35.69 38.08 3.11
N GLY A 266 -34.72 38.97 3.01
CA GLY A 266 -33.91 39.31 4.18
C GLY A 266 -32.76 38.41 4.53
N THR A 267 -32.73 37.20 3.99
CA THR A 267 -31.64 36.26 4.27
C THR A 267 -30.29 36.94 4.06
N GLN A 268 -29.44 36.85 5.09
CA GLN A 268 -28.11 37.45 5.05
C GLN A 268 -27.08 36.32 4.92
N VAL A 269 -26.24 36.46 3.90
CA VAL A 269 -25.18 35.49 3.63
C VAL A 269 -23.88 36.18 4.00
N LEU A 270 -23.09 35.54 4.84
CA LEU A 270 -21.81 36.08 5.28
C LEU A 270 -20.76 35.02 5.08
N GLU A 271 -19.60 35.41 4.59
CA GLU A 271 -18.49 34.49 4.38
C GLU A 271 -17.32 34.87 5.28
N LEU A 272 -16.88 33.95 6.12
CA LEU A 272 -15.77 34.20 7.01
C LEU A 272 -14.62 33.26 6.61
N PRO A 273 -13.69 33.75 5.79
CA PRO A 273 -12.53 32.98 5.32
C PRO A 273 -11.55 32.59 6.41
N PHE A 274 -10.93 31.44 6.20
CA PHE A 274 -9.92 30.93 7.09
C PHE A 274 -8.58 31.40 6.51
N LYS A 275 -7.49 31.19 7.25
CA LYS A 275 -6.15 31.60 6.79
C LYS A 275 -5.91 31.09 5.37
N GLY A 276 -5.59 32.01 4.47
CA GLY A 276 -5.34 31.63 3.10
C GLY A 276 -6.50 31.86 2.14
N ASP A 277 -7.69 32.07 2.68
CA ASP A 277 -8.89 32.31 1.88
C ASP A 277 -9.31 31.15 0.97
N ASP A 278 -8.41 30.20 0.75
CA ASP A 278 -8.66 29.04 -0.08
C ASP A 278 -9.90 28.28 0.38
N ILE A 279 -10.05 28.16 1.68
CA ILE A 279 -11.20 27.48 2.28
C ILE A 279 -11.90 28.50 3.19
N THR A 280 -13.21 28.64 3.05
CA THR A 280 -13.98 29.59 3.84
C THR A 280 -15.25 28.97 4.37
N MET A 281 -15.87 29.65 5.33
CA MET A 281 -17.13 29.20 5.93
C MET A 281 -18.23 30.19 5.55
N VAL A 282 -19.31 29.67 4.99
CA VAL A 282 -20.45 30.49 4.58
C VAL A 282 -21.64 30.21 5.50
N LEU A 283 -22.30 31.27 5.97
CA LEU A 283 -23.44 31.15 6.86
C LEU A 283 -24.67 31.78 6.21
N ILE A 284 -25.80 31.09 6.27
CA ILE A 284 -27.05 31.60 5.72
C ILE A 284 -28.03 31.85 6.89
N LEU A 285 -28.27 33.12 7.18
CA LEU A 285 -29.15 33.52 8.28
C LEU A 285 -30.40 34.16 7.69
N PRO A 286 -31.60 33.68 8.07
CA PRO A 286 -32.85 34.25 7.55
C PRO A 286 -33.29 35.46 8.39
N LYS A 287 -34.46 36.01 8.09
CA LYS A 287 -34.98 37.12 8.86
C LYS A 287 -35.81 36.48 9.99
N PRO A 288 -35.95 37.16 11.14
CA PRO A 288 -36.71 36.60 12.27
C PRO A 288 -38.05 35.95 11.90
N GLU A 289 -38.71 36.45 10.85
CA GLU A 289 -39.99 35.91 10.42
C GLU A 289 -39.86 34.59 9.69
N LYS A 290 -39.00 34.55 8.68
CA LYS A 290 -38.76 33.35 7.90
C LYS A 290 -38.10 32.27 8.74
N SER A 291 -38.62 31.04 8.67
CA SER A 291 -38.05 29.93 9.43
C SER A 291 -36.98 29.25 8.58
N LEU A 292 -35.96 28.70 9.23
CA LEU A 292 -34.90 28.03 8.51
C LEU A 292 -35.44 26.86 7.69
N ALA A 293 -36.59 26.34 8.11
CA ALA A 293 -37.24 25.22 7.44
C ALA A 293 -37.55 25.55 5.97
N LYS A 294 -38.09 26.75 5.74
CA LYS A 294 -38.43 27.19 4.39
C LYS A 294 -37.17 27.35 3.57
N VAL A 295 -36.16 28.00 4.14
CA VAL A 295 -34.89 28.22 3.44
C VAL A 295 -34.24 26.92 3.02
N GLU A 296 -34.16 25.96 3.94
CA GLU A 296 -33.57 24.66 3.66
C GLU A 296 -34.26 23.99 2.49
N LYS A 297 -35.56 24.19 2.38
CA LYS A 297 -36.37 23.61 1.31
C LYS A 297 -36.28 24.39 0.00
N GLU A 298 -36.11 25.71 0.11
CA GLU A 298 -36.04 26.57 -1.08
C GLU A 298 -34.64 26.71 -1.66
N LEU A 299 -33.62 26.51 -0.84
CA LEU A 299 -32.24 26.64 -1.29
C LEU A 299 -31.80 25.49 -2.17
N THR A 300 -31.52 25.78 -3.43
CA THR A 300 -31.06 24.80 -4.40
C THR A 300 -29.63 25.20 -4.79
N PRO A 301 -28.92 24.33 -5.54
CA PRO A 301 -27.55 24.65 -5.94
C PRO A 301 -27.41 25.98 -6.69
N GLU A 302 -28.32 26.23 -7.62
CA GLU A 302 -28.27 27.46 -8.41
C GLU A 302 -28.45 28.71 -7.55
N VAL A 303 -29.41 28.66 -6.63
CA VAL A 303 -29.67 29.79 -5.73
C VAL A 303 -28.46 30.04 -4.82
N LEU A 304 -27.96 28.97 -4.20
CA LEU A 304 -26.80 29.06 -3.31
C LEU A 304 -25.64 29.75 -4.03
N GLN A 305 -25.38 29.29 -5.25
CA GLN A 305 -24.31 29.85 -6.06
C GLN A 305 -24.57 31.32 -6.39
N GLU A 306 -25.81 31.61 -6.77
CA GLU A 306 -26.21 32.97 -7.13
C GLU A 306 -25.85 33.94 -6.01
N TRP A 307 -26.20 33.57 -4.78
CA TRP A 307 -25.90 34.40 -3.62
C TRP A 307 -24.39 34.59 -3.49
N LEU A 308 -23.66 33.49 -3.60
CA LEU A 308 -22.21 33.49 -3.50
C LEU A 308 -21.55 34.45 -4.49
N ASP A 309 -22.08 34.49 -5.71
CA ASP A 309 -21.56 35.37 -6.74
C ASP A 309 -21.83 36.82 -6.33
N GLU A 310 -22.96 37.04 -5.67
CA GLU A 310 -23.37 38.37 -5.23
C GLU A 310 -22.68 38.88 -3.96
N LEU A 311 -21.84 38.05 -3.34
CA LEU A 311 -21.15 38.47 -2.13
C LEU A 311 -20.32 39.73 -2.39
N GLU A 312 -20.63 40.78 -1.66
CA GLU A 312 -19.92 42.04 -1.80
C GLU A 312 -19.03 42.26 -0.58
N GLU A 313 -17.75 42.49 -0.81
CA GLU A 313 -16.81 42.73 0.28
C GLU A 313 -17.26 44.02 0.96
N MET A 314 -17.33 44.01 2.28
CA MET A 314 -17.83 45.17 3.01
C MET A 314 -17.30 45.18 4.44
N MET A 315 -17.60 46.25 5.18
CA MET A 315 -17.19 46.38 6.57
C MET A 315 -18.46 46.31 7.40
N LEU A 316 -18.51 45.38 8.34
CA LEU A 316 -19.70 45.21 9.18
C LEU A 316 -19.38 44.67 10.56
N VAL A 317 -20.43 44.45 11.35
CA VAL A 317 -20.29 43.92 12.69
C VAL A 317 -20.80 42.47 12.67
N VAL A 318 -20.00 41.56 13.21
CA VAL A 318 -20.35 40.14 13.23
C VAL A 318 -20.61 39.68 14.66
N HIS A 319 -21.71 38.95 14.84
CA HIS A 319 -22.10 38.39 16.12
C HIS A 319 -22.34 36.94 15.77
N MET A 320 -21.49 36.06 16.28
CA MET A 320 -21.60 34.64 15.99
C MET A 320 -21.40 33.83 17.27
N PRO A 321 -22.30 32.89 17.55
CA PRO A 321 -22.19 32.08 18.77
C PRO A 321 -21.11 31.02 18.62
N ARG A 322 -20.53 30.62 19.75
CA ARG A 322 -19.50 29.59 19.76
C ARG A 322 -20.30 28.29 19.70
N PHE A 323 -19.78 27.29 18.99
CA PHE A 323 -20.49 26.02 18.88
C PHE A 323 -19.62 24.86 18.46
N ARG A 324 -20.09 23.65 18.74
CA ARG A 324 -19.38 22.43 18.37
C ARG A 324 -20.46 21.44 17.99
N ILE A 325 -20.22 20.66 16.94
CA ILE A 325 -21.19 19.69 16.46
C ILE A 325 -20.52 18.36 16.08
N GLU A 326 -21.19 17.26 16.35
CA GLU A 326 -20.70 15.93 16.02
C GLU A 326 -21.90 15.07 15.62
N ASP A 327 -22.00 14.75 14.34
CA ASP A 327 -23.12 13.97 13.86
C ASP A 327 -22.74 12.56 13.46
N GLY A 328 -23.23 11.59 14.23
CA GLY A 328 -22.96 10.21 13.92
C GLY A 328 -24.28 9.58 13.49
N PHE A 329 -24.30 8.96 12.31
CA PHE A 329 -25.50 8.33 11.81
C PHE A 329 -25.26 7.30 10.72
N SER A 330 -26.25 6.46 10.49
CA SER A 330 -26.17 5.42 9.47
C SER A 330 -26.82 5.86 8.18
N LEU A 331 -25.99 6.24 7.22
CA LEU A 331 -26.44 6.70 5.91
C LEU A 331 -27.41 5.75 5.24
N LYS A 332 -27.32 4.48 5.62
CA LYS A 332 -28.14 3.39 5.07
C LYS A 332 -29.64 3.68 4.83
N GLU A 333 -30.43 3.78 5.89
CA GLU A 333 -31.88 4.02 5.75
C GLU A 333 -32.17 5.23 4.87
N GLN A 334 -31.51 6.35 5.16
CA GLN A 334 -31.68 7.57 4.38
C GLN A 334 -31.44 7.27 2.90
N LEU A 335 -30.33 6.61 2.58
CA LEU A 335 -29.99 6.29 1.21
C LEU A 335 -30.97 5.32 0.57
N GLN A 336 -31.53 4.43 1.37
CA GLN A 336 -32.51 3.48 0.87
C GLN A 336 -33.76 4.26 0.50
N ASP A 337 -34.04 5.29 1.29
CA ASP A 337 -35.20 6.14 1.05
C ASP A 337 -34.90 7.06 -0.13
N MET A 338 -33.63 7.17 -0.49
CA MET A 338 -33.20 8.00 -1.61
C MET A 338 -33.02 7.21 -2.89
N GLY A 339 -33.27 5.90 -2.83
CA GLY A 339 -33.14 5.07 -4.01
C GLY A 339 -32.11 3.97 -3.95
N LEU A 340 -31.01 4.22 -3.25
CA LEU A 340 -29.95 3.23 -3.15
C LEU A 340 -30.47 2.02 -2.41
N VAL A 341 -31.15 1.12 -3.13
CA VAL A 341 -31.74 -0.07 -2.54
C VAL A 341 -30.96 -1.39 -2.66
N ASP A 342 -30.78 -1.86 -3.89
CA ASP A 342 -30.10 -3.13 -4.16
C ASP A 342 -28.80 -3.34 -3.39
N LEU A 343 -27.97 -2.31 -3.35
CA LEU A 343 -26.68 -2.36 -2.66
C LEU A 343 -26.77 -2.88 -1.22
N PHE A 344 -27.89 -2.61 -0.57
CA PHE A 344 -28.05 -3.05 0.82
C PHE A 344 -28.82 -4.38 0.90
N SER A 345 -29.37 -4.81 -0.23
CA SER A 345 -30.13 -6.05 -0.31
C SER A 345 -29.26 -7.25 -0.60
N PRO A 346 -29.11 -8.15 0.39
CA PRO A 346 -28.29 -9.36 0.25
C PRO A 346 -28.56 -10.10 -1.05
N GLU A 347 -29.83 -10.23 -1.40
CA GLU A 347 -30.22 -10.93 -2.61
C GLU A 347 -29.98 -10.19 -3.92
N LYS A 348 -30.08 -8.86 -3.88
CA LYS A 348 -29.90 -8.07 -5.10
C LYS A 348 -28.53 -7.42 -5.29
N SER A 349 -27.71 -7.41 -4.26
CA SER A 349 -26.39 -6.78 -4.32
C SER A 349 -25.43 -7.38 -5.34
N LYS A 350 -24.95 -6.53 -6.24
CA LYS A 350 -24.05 -6.95 -7.27
C LYS A 350 -22.72 -6.19 -7.22
N LEU A 351 -21.73 -6.77 -6.56
CA LEU A 351 -20.40 -6.17 -6.45
C LEU A 351 -19.36 -7.20 -6.86
N PRO A 352 -19.52 -7.82 -8.05
CA PRO A 352 -18.57 -8.83 -8.53
C PRO A 352 -17.10 -8.43 -8.51
N GLY A 353 -16.83 -7.14 -8.63
CA GLY A 353 -15.45 -6.68 -8.65
C GLY A 353 -14.74 -6.65 -7.32
N ILE A 354 -15.51 -6.57 -6.22
CA ILE A 354 -14.92 -6.51 -4.89
C ILE A 354 -14.50 -7.86 -4.33
N VAL A 355 -15.23 -8.92 -4.67
CA VAL A 355 -14.89 -10.26 -4.20
C VAL A 355 -14.03 -10.97 -5.24
N ALA A 356 -13.31 -11.99 -4.80
CA ALA A 356 -12.42 -12.77 -5.68
C ALA A 356 -13.11 -13.51 -6.81
N GLU A 357 -14.21 -14.19 -6.50
CA GLU A 357 -14.93 -14.95 -7.52
C GLU A 357 -16.18 -14.26 -8.07
N GLY A 358 -16.28 -12.95 -7.84
CA GLY A 358 -17.42 -12.18 -8.33
C GLY A 358 -18.81 -12.54 -7.85
N ARG A 359 -19.76 -12.46 -8.77
CA ARG A 359 -21.19 -12.75 -8.57
C ARG A 359 -21.86 -12.23 -7.29
N ASP A 360 -23.14 -12.53 -7.13
CA ASP A 360 -23.90 -12.13 -5.95
C ASP A 360 -23.27 -12.90 -4.79
N ASP A 361 -22.70 -12.18 -3.84
CA ASP A 361 -22.03 -12.80 -2.71
C ASP A 361 -21.84 -11.77 -1.59
N LEU A 362 -21.33 -10.60 -1.95
CA LEU A 362 -21.07 -9.53 -1.00
C LEU A 362 -22.08 -8.38 -1.12
N TYR A 363 -22.51 -7.86 0.03
CA TYR A 363 -23.45 -6.74 0.09
C TYR A 363 -22.99 -5.79 1.19
N VAL A 364 -23.55 -4.58 1.23
CA VAL A 364 -23.16 -3.61 2.25
C VAL A 364 -24.07 -3.71 3.47
N SER A 365 -23.51 -4.17 4.59
CA SER A 365 -24.27 -4.30 5.82
C SER A 365 -24.70 -2.94 6.38
N ASP A 366 -23.83 -1.94 6.23
CA ASP A 366 -24.13 -0.61 6.73
C ASP A 366 -23.07 0.40 6.27
N ALA A 367 -23.33 1.67 6.56
CA ALA A 367 -22.42 2.77 6.22
C ALA A 367 -22.52 3.76 7.37
N PHE A 368 -21.39 4.03 8.01
CA PHE A 368 -21.35 4.96 9.14
C PHE A 368 -20.58 6.22 8.80
N HIS A 369 -21.15 7.36 9.18
CA HIS A 369 -20.53 8.66 8.93
C HIS A 369 -20.53 9.49 10.19
N LYS A 370 -19.38 10.08 10.52
CA LYS A 370 -19.29 10.93 11.70
C LYS A 370 -18.38 12.13 11.43
N ALA A 371 -18.93 13.32 11.63
CA ALA A 371 -18.19 14.56 11.42
C ALA A 371 -18.26 15.43 12.68
N PHE A 372 -17.17 16.17 12.95
CA PHE A 372 -17.07 17.03 14.12
C PHE A 372 -16.54 18.42 13.75
N LEU A 373 -17.30 19.46 14.11
CA LEU A 373 -16.95 20.85 13.85
C LEU A 373 -16.90 21.62 15.15
N GLU A 374 -15.75 22.22 15.44
CA GLU A 374 -15.60 23.01 16.66
C GLU A 374 -15.35 24.45 16.24
N VAL A 375 -16.15 25.36 16.78
CA VAL A 375 -16.03 26.78 16.45
C VAL A 375 -15.87 27.62 17.71
N ASN A 376 -14.77 28.35 17.76
CA ASN A 376 -14.47 29.22 18.88
C ASN A 376 -13.97 30.57 18.34
N GLU A 377 -13.23 31.30 19.16
CA GLU A 377 -12.74 32.61 18.76
C GLU A 377 -11.68 32.65 17.67
N GLU A 378 -10.87 31.61 17.54
CA GLU A 378 -9.83 31.65 16.52
C GLU A 378 -9.47 30.37 15.80
N GLY A 379 -10.13 29.26 16.14
CA GLY A 379 -9.78 27.99 15.50
C GLY A 379 -8.44 27.58 16.10
N SER A 380 -8.33 27.87 17.39
CA SER A 380 -7.15 27.63 18.21
C SER A 380 -6.56 26.22 18.24
N GLU A 381 -5.41 26.06 17.60
CA GLU A 381 -4.69 24.79 17.55
C GLU A 381 -3.39 24.95 18.33
N ALA A 382 -2.82 26.16 18.27
CA ALA A 382 -1.59 26.46 18.97
C ALA A 382 -1.95 27.33 20.18
N ALA A 383 -0.96 27.98 20.78
CA ALA A 383 -1.19 28.83 21.93
C ALA A 383 -2.37 29.76 21.63
N ALA A 384 -3.53 29.39 22.18
CA ALA A 384 -4.77 30.14 21.98
C ALA A 384 -4.83 31.49 22.69
N SER A 385 -3.72 31.94 23.24
CA SER A 385 -3.69 33.21 23.93
C SER A 385 -3.88 34.30 22.87
N THR A 386 -4.91 35.13 23.04
CA THR A 386 -5.17 36.21 22.11
C THR A 386 -6.10 37.28 22.67
N ALA A 387 -5.90 38.50 22.15
CA ALA A 387 -6.66 39.70 22.48
C ALA A 387 -6.45 40.50 21.20
N VAL A 388 -7.19 41.58 20.98
CA VAL A 388 -6.97 42.38 19.79
C VAL A 388 -6.90 43.85 20.16
N VAL A 389 -5.87 44.53 19.68
CA VAL A 389 -5.69 45.95 19.95
C VAL A 389 -5.77 46.67 18.62
N ILE A 390 -6.90 47.34 18.37
CA ILE A 390 -7.09 48.06 17.14
C ILE A 390 -7.09 49.54 17.45
N ALA A 391 -5.99 50.21 17.13
CA ALA A 391 -5.84 51.63 17.38
C ALA A 391 -6.09 52.41 16.09
N GLY A 392 -6.77 53.54 16.20
CA GLY A 392 -7.03 54.37 15.03
C GLY A 392 -8.13 53.89 14.10
N ARG A 393 -9.16 53.25 14.66
CA ARG A 393 -10.26 52.80 13.84
C ARG A 393 -11.56 53.53 14.20
N SER A 394 -12.33 53.90 13.18
CA SER A 394 -13.60 54.58 13.36
C SER A 394 -14.41 54.13 12.15
N LEU A 395 -15.50 53.39 12.39
CA LEU A 395 -16.31 52.87 11.31
C LEU A 395 -17.55 53.72 11.04
N ASN A 396 -18.21 53.44 9.91
CA ASN A 396 -19.43 54.17 9.53
C ASN A 396 -20.54 54.01 10.55
N PRO A 397 -21.15 55.12 10.98
CA PRO A 397 -22.23 55.13 11.97
C PRO A 397 -23.42 54.29 11.54
N ASN A 398 -23.59 54.16 10.23
CA ASN A 398 -24.69 53.41 9.67
C ASN A 398 -24.21 52.17 8.92
N ARG A 399 -23.50 51.30 9.63
CA ARG A 399 -23.00 50.08 9.02
C ARG A 399 -23.90 48.91 9.38
N VAL A 400 -24.03 47.96 8.47
CA VAL A 400 -24.89 46.79 8.70
C VAL A 400 -24.29 45.91 9.80
N THR A 401 -25.08 44.97 10.30
CA THR A 401 -24.62 44.08 11.35
C THR A 401 -25.27 42.72 11.13
N PHE A 402 -24.44 41.67 11.22
CA PHE A 402 -24.89 40.30 11.05
C PHE A 402 -24.83 39.64 12.41
N LYS A 403 -25.99 39.44 13.03
CA LYS A 403 -26.06 38.83 14.35
C LYS A 403 -26.80 37.50 14.34
N ALA A 404 -26.05 36.41 14.27
CA ALA A 404 -26.63 35.07 14.23
C ALA A 404 -27.24 34.61 15.56
N ASN A 405 -28.36 35.19 15.96
CA ASN A 405 -29.02 34.81 17.21
C ASN A 405 -30.29 34.00 16.94
N ARG A 406 -30.24 33.19 15.89
CA ARG A 406 -31.36 32.34 15.49
C ARG A 406 -30.77 31.31 14.51
N PRO A 407 -31.36 30.10 14.41
CA PRO A 407 -30.87 29.04 13.50
C PRO A 407 -30.31 29.52 12.17
N PHE A 408 -29.22 28.90 11.73
CA PHE A 408 -28.60 29.26 10.46
C PHE A 408 -27.82 28.10 9.83
N LEU A 409 -27.68 28.13 8.50
CA LEU A 409 -26.95 27.09 7.77
C LEU A 409 -25.46 27.38 7.76
N VAL A 410 -24.67 26.33 7.69
CA VAL A 410 -23.21 26.42 7.70
C VAL A 410 -22.70 25.64 6.50
N PHE A 411 -21.70 26.20 5.83
CA PHE A 411 -21.09 25.57 4.67
C PHE A 411 -19.59 25.85 4.72
N ILE A 412 -18.78 24.81 4.59
CA ILE A 412 -17.33 24.97 4.58
C ILE A 412 -16.89 24.60 3.16
N ARG A 413 -16.35 25.56 2.42
CA ARG A 413 -15.99 25.32 1.03
C ARG A 413 -14.63 25.83 0.59
N GLU A 414 -14.21 25.39 -0.59
CA GLU A 414 -12.95 25.85 -1.18
C GLU A 414 -13.40 26.92 -2.16
N VAL A 415 -12.98 28.15 -1.91
CA VAL A 415 -13.36 29.29 -2.75
C VAL A 415 -13.26 29.15 -4.27
N PRO A 416 -12.05 28.90 -4.82
CA PRO A 416 -11.87 28.76 -6.27
C PRO A 416 -12.79 27.77 -6.99
N LEU A 417 -12.92 26.55 -6.47
CA LEU A 417 -13.75 25.52 -7.08
C LEU A 417 -15.17 25.44 -6.51
N ASN A 418 -15.40 26.11 -5.39
CA ASN A 418 -16.72 26.13 -4.75
C ASN A 418 -17.21 24.74 -4.32
N THR A 419 -16.27 23.86 -3.99
CA THR A 419 -16.61 22.51 -3.56
C THR A 419 -17.20 22.55 -2.16
N ILE A 420 -18.43 22.05 -2.01
CA ILE A 420 -19.05 22.02 -0.68
C ILE A 420 -18.45 20.86 0.10
N ILE A 421 -17.43 21.18 0.89
CA ILE A 421 -16.72 20.19 1.71
C ILE A 421 -17.56 19.74 2.90
N PHE A 422 -18.03 20.69 3.69
CA PHE A 422 -18.87 20.40 4.86
C PHE A 422 -20.14 21.21 4.73
N MET A 423 -21.16 20.79 5.47
CA MET A 423 -22.45 21.47 5.49
C MET A 423 -23.13 21.06 6.79
N GLY A 424 -23.85 21.99 7.39
CA GLY A 424 -24.52 21.68 8.65
C GLY A 424 -25.50 22.77 9.00
N ARG A 425 -26.09 22.65 10.19
CA ARG A 425 -27.08 23.61 10.65
C ARG A 425 -26.90 23.82 12.13
N VAL A 426 -26.88 25.08 12.56
CA VAL A 426 -26.76 25.40 13.97
C VAL A 426 -28.15 25.83 14.43
N ALA A 427 -28.87 24.89 15.02
CA ALA A 427 -30.22 25.14 15.50
C ALA A 427 -30.25 25.35 17.01
N ASN A 428 -29.11 25.13 17.66
CA ASN A 428 -29.00 25.29 19.10
C ASN A 428 -27.54 25.28 19.55
N PRO A 429 -26.99 26.43 19.95
CA PRO A 429 -25.60 26.51 20.39
C PRO A 429 -25.44 26.82 21.88
N CYS A 430 -26.24 26.21 22.74
CA CYS A 430 -26.14 26.44 24.17
C CYS A 430 -25.71 25.14 24.83
N VAL A 431 -25.21 25.22 26.05
CA VAL A 431 -24.76 24.03 26.78
C VAL A 431 -25.90 23.21 27.38
N VAL B 5 17.26 -42.38 8.37
CA VAL B 5 17.72 -41.27 9.27
C VAL B 5 17.89 -40.01 8.44
N ASP B 6 18.33 -38.93 9.07
CA ASP B 6 18.52 -37.68 8.36
C ASP B 6 19.53 -37.87 7.23
N ILE B 7 19.24 -37.26 6.09
CA ILE B 7 20.10 -37.35 4.92
C ILE B 7 21.35 -36.46 5.08
N CYS B 8 21.56 -35.95 6.29
CA CYS B 8 22.73 -35.12 6.54
C CYS B 8 23.93 -35.99 6.86
N THR B 9 23.69 -37.27 7.14
CA THR B 9 24.77 -38.20 7.45
C THR B 9 24.79 -39.38 6.49
N ALA B 10 23.70 -39.57 5.75
CA ALA B 10 23.57 -40.66 4.80
C ALA B 10 24.42 -40.49 3.55
N LYS B 11 24.60 -41.59 2.82
CA LYS B 11 25.33 -41.60 1.57
C LYS B 11 24.36 -42.06 0.49
N PRO B 12 24.62 -41.71 -0.78
CA PRO B 12 23.75 -42.09 -1.89
C PRO B 12 23.23 -43.52 -1.85
N ARG B 13 24.06 -44.47 -1.43
CA ARG B 13 23.62 -45.86 -1.36
C ARG B 13 22.71 -46.18 -0.19
N ASP B 14 22.72 -45.32 0.84
CA ASP B 14 21.86 -45.51 2.01
C ASP B 14 20.41 -45.30 1.61
N ILE B 15 20.16 -44.27 0.82
CA ILE B 15 18.82 -43.96 0.35
C ILE B 15 18.81 -43.54 -1.11
N PRO B 16 18.97 -44.51 -2.02
CA PRO B 16 19.00 -44.26 -3.46
C PRO B 16 17.64 -43.88 -4.06
N MET B 17 17.21 -42.65 -3.85
CA MET B 17 15.93 -42.19 -4.37
C MET B 17 16.01 -42.20 -5.90
N ASN B 18 14.97 -42.71 -6.55
CA ASN B 18 14.97 -42.79 -8.01
C ASN B 18 14.22 -41.63 -8.66
N PRO B 19 14.94 -40.80 -9.42
CA PRO B 19 14.36 -39.65 -10.11
C PRO B 19 13.64 -40.11 -11.38
N MET B 20 12.74 -39.27 -11.89
CA MET B 20 11.98 -39.59 -13.10
C MET B 20 12.89 -39.94 -14.27
N CYS B 21 13.68 -38.98 -14.73
CA CYS B 21 14.58 -39.21 -15.84
C CYS B 21 16.01 -38.94 -15.46
N ILE B 22 16.92 -39.68 -16.08
CA ILE B 22 18.34 -39.53 -15.80
C ILE B 22 18.94 -38.55 -16.81
N TYR B 23 19.79 -37.67 -16.30
CA TYR B 23 20.46 -36.68 -17.13
C TYR B 23 21.24 -37.41 -18.23
N ARG B 24 21.20 -36.88 -19.44
CA ARG B 24 21.89 -37.49 -20.57
C ARG B 24 23.39 -37.29 -20.47
N SER B 25 24.00 -37.96 -19.50
CA SER B 25 25.45 -37.91 -19.23
C SER B 25 25.75 -38.72 -17.96
N LYS B 39 43.30 -26.75 -3.82
CA LYS B 39 42.69 -27.59 -2.74
C LYS B 39 41.28 -27.11 -2.39
N ILE B 40 40.64 -27.79 -1.44
CA ILE B 40 39.29 -27.43 -1.00
C ILE B 40 39.28 -27.44 0.54
N PRO B 41 38.26 -26.85 1.17
CA PRO B 41 38.19 -26.80 2.64
C PRO B 41 38.25 -28.15 3.36
N GLU B 42 38.70 -28.09 4.61
CA GLU B 42 38.84 -29.28 5.46
C GLU B 42 37.47 -29.84 5.83
N ALA B 43 37.42 -31.16 6.03
CA ALA B 43 36.18 -31.83 6.40
C ALA B 43 35.03 -31.54 5.42
N THR B 44 35.38 -31.33 4.16
CA THR B 44 34.38 -31.04 3.14
C THR B 44 34.42 -32.05 2.00
N ASN B 45 33.27 -32.66 1.72
CA ASN B 45 33.14 -33.64 0.64
C ASN B 45 33.31 -32.92 -0.70
N ARG B 46 34.26 -33.38 -1.51
CA ARG B 46 34.51 -32.75 -2.81
C ARG B 46 33.28 -32.43 -3.64
N ARG B 47 32.37 -33.39 -3.75
CA ARG B 47 31.16 -33.22 -4.54
C ARG B 47 30.27 -32.07 -4.06
N VAL B 48 30.25 -31.84 -2.75
CA VAL B 48 29.45 -30.75 -2.18
C VAL B 48 30.10 -29.42 -2.59
N TRP B 49 31.44 -29.42 -2.61
CA TRP B 49 32.20 -28.26 -3.01
C TRP B 49 31.88 -27.96 -4.48
N GLU B 50 31.80 -29.01 -5.30
CA GLU B 50 31.48 -28.87 -6.72
C GLU B 50 30.14 -28.17 -6.89
N LEU B 51 29.12 -28.63 -6.15
CA LEU B 51 27.80 -28.06 -6.24
C LEU B 51 27.88 -26.56 -5.96
N SER B 52 28.71 -26.17 -4.99
CA SER B 52 28.91 -24.77 -4.66
C SER B 52 29.46 -24.04 -5.88
N LYS B 53 30.47 -24.61 -6.53
CA LYS B 53 31.02 -23.99 -7.72
C LYS B 53 29.92 -23.76 -8.76
N ALA B 54 29.11 -24.79 -9.00
CA ALA B 54 28.01 -24.72 -9.96
C ALA B 54 27.03 -23.61 -9.63
N ASN B 55 26.49 -23.63 -8.41
CA ASN B 55 25.52 -22.61 -7.97
C ASN B 55 26.12 -21.21 -8.11
N SER B 56 27.42 -21.07 -7.86
CA SER B 56 28.08 -19.78 -7.97
C SER B 56 28.25 -19.39 -9.43
N ARG B 57 28.46 -20.38 -10.29
CA ARG B 57 28.60 -20.10 -11.70
C ARG B 57 27.27 -19.60 -12.29
N PHE B 58 26.16 -19.99 -11.67
CA PHE B 58 24.85 -19.55 -12.12
C PHE B 58 24.56 -18.17 -11.53
N ALA B 59 24.96 -17.99 -10.28
CA ALA B 59 24.75 -16.72 -9.58
C ALA B 59 25.27 -15.57 -10.41
N THR B 60 26.56 -15.64 -10.75
CA THR B 60 27.21 -14.60 -11.53
C THR B 60 26.54 -14.40 -12.90
N THR B 61 26.33 -15.49 -13.62
CA THR B 61 25.71 -15.47 -14.94
C THR B 61 24.32 -14.84 -14.95
N PHE B 62 23.49 -15.24 -14.00
CA PHE B 62 22.14 -14.72 -13.91
C PHE B 62 22.17 -13.23 -13.66
N TYR B 63 22.97 -12.80 -12.69
CA TYR B 63 23.08 -11.38 -12.38
C TYR B 63 23.45 -10.58 -13.63
N GLN B 64 24.39 -11.09 -14.40
CA GLN B 64 24.80 -10.40 -15.62
C GLN B 64 23.63 -10.20 -16.57
N HIS B 65 22.78 -11.20 -16.73
CA HIS B 65 21.63 -11.07 -17.60
C HIS B 65 20.62 -10.08 -17.02
N LEU B 66 20.44 -10.14 -15.71
CA LEU B 66 19.50 -9.30 -14.98
C LEU B 66 19.93 -7.84 -14.93
N ALA B 67 21.20 -7.63 -14.63
CA ALA B 67 21.77 -6.28 -14.56
C ALA B 67 21.75 -5.69 -15.96
N ASP B 68 21.71 -6.57 -16.96
CA ASP B 68 21.68 -6.16 -18.35
C ASP B 68 20.27 -5.66 -18.70
N SER B 69 19.26 -6.22 -18.05
CA SER B 69 17.88 -5.82 -18.31
C SER B 69 17.34 -4.79 -17.31
N LYS B 70 18.23 -3.95 -16.79
CA LYS B 70 17.83 -2.91 -15.83
C LYS B 70 18.72 -1.69 -16.01
N ASN B 71 18.25 -0.53 -15.56
CA ASN B 71 19.04 0.70 -15.67
C ASN B 71 20.11 0.67 -14.58
N ASP B 72 21.35 0.99 -14.96
CA ASP B 72 22.49 0.99 -14.04
C ASP B 72 22.25 1.65 -12.68
N ASN B 73 21.26 2.52 -12.61
CA ASN B 73 20.95 3.21 -11.36
C ASN B 73 19.78 2.59 -10.61
N ASP B 74 19.59 1.28 -10.83
CA ASP B 74 18.53 0.53 -10.19
C ASP B 74 19.10 -0.39 -9.13
N ASN B 75 18.27 -0.71 -8.15
CA ASN B 75 18.64 -1.63 -7.08
C ASN B 75 18.40 -3.00 -7.65
N ILE B 76 19.19 -3.97 -7.21
CA ILE B 76 19.01 -5.33 -7.64
C ILE B 76 19.29 -6.15 -6.40
N PHE B 77 18.40 -7.08 -6.06
CA PHE B 77 18.64 -7.91 -4.90
C PHE B 77 17.96 -9.25 -5.03
N LEU B 78 18.79 -10.29 -4.99
CA LEU B 78 18.31 -11.64 -5.12
C LEU B 78 19.12 -12.59 -4.24
N SER B 79 18.70 -13.86 -4.28
CA SER B 79 19.35 -14.93 -3.55
C SER B 79 19.47 -16.01 -4.60
N PRO B 80 20.61 -16.08 -5.28
CA PRO B 80 20.78 -17.12 -6.31
C PRO B 80 20.57 -18.50 -5.71
N LEU B 81 20.88 -18.65 -4.44
CA LEU B 81 20.74 -19.91 -3.73
C LEU B 81 19.28 -20.36 -3.77
N SER B 82 18.37 -19.46 -3.39
CA SER B 82 16.94 -19.74 -3.38
C SER B 82 16.46 -20.18 -4.78
N ILE B 83 16.85 -19.41 -5.80
CA ILE B 83 16.50 -19.70 -7.20
C ILE B 83 17.00 -21.08 -7.64
N SER B 84 18.26 -21.39 -7.32
CA SER B 84 18.83 -22.67 -7.69
C SER B 84 18.10 -23.80 -6.98
N THR B 85 17.90 -23.67 -5.67
CA THR B 85 17.20 -24.70 -4.91
C THR B 85 15.82 -24.98 -5.49
N ALA B 86 15.03 -23.94 -5.71
CA ALA B 86 13.68 -24.12 -6.26
C ALA B 86 13.70 -24.81 -7.62
N PHE B 87 14.56 -24.35 -8.53
CA PHE B 87 14.62 -24.96 -9.85
C PHE B 87 15.16 -26.37 -9.87
N ALA B 88 15.99 -26.72 -8.89
CA ALA B 88 16.53 -28.07 -8.80
C ALA B 88 15.36 -28.95 -8.38
N MET B 89 14.47 -28.39 -7.57
CA MET B 89 13.26 -29.06 -7.08
C MET B 89 12.35 -29.33 -8.27
N THR B 90 12.24 -28.34 -9.15
CA THR B 90 11.41 -28.43 -10.35
C THR B 90 11.97 -29.50 -11.26
N LYS B 91 13.29 -29.63 -11.23
CA LYS B 91 14.04 -30.58 -12.04
C LYS B 91 13.63 -32.04 -11.77
N LEU B 92 13.07 -32.31 -10.59
CA LEU B 92 12.65 -33.66 -10.26
C LEU B 92 11.65 -34.20 -11.26
N GLY B 93 10.74 -33.34 -11.72
CA GLY B 93 9.72 -33.76 -12.66
C GLY B 93 10.06 -33.58 -14.12
N ALA B 94 11.17 -32.90 -14.40
CA ALA B 94 11.59 -32.66 -15.78
C ALA B 94 12.11 -33.93 -16.44
N CYS B 95 12.27 -33.86 -17.75
CA CYS B 95 12.73 -35.00 -18.53
C CYS B 95 12.96 -34.54 -19.95
N ASN B 96 13.83 -35.24 -20.67
CA ASN B 96 14.13 -34.92 -22.06
C ASN B 96 14.82 -33.56 -22.17
N ASP B 97 14.51 -32.81 -23.23
CA ASP B 97 15.13 -31.50 -23.45
C ASP B 97 14.87 -30.47 -22.35
N THR B 98 13.75 -30.61 -21.65
CA THR B 98 13.41 -29.71 -20.54
C THR B 98 14.47 -29.87 -19.45
N LEU B 99 14.85 -31.12 -19.19
CA LEU B 99 15.86 -31.45 -18.18
C LEU B 99 17.24 -31.05 -18.63
N GLN B 100 17.55 -31.31 -19.90
CA GLN B 100 18.86 -30.97 -20.46
C GLN B 100 19.09 -29.47 -20.34
N GLN B 101 18.04 -28.69 -20.57
CA GLN B 101 18.13 -27.24 -20.48
C GLN B 101 18.37 -26.76 -19.05
N LEU B 102 17.62 -27.32 -18.10
CA LEU B 102 17.76 -26.96 -16.69
C LEU B 102 19.17 -27.24 -16.18
N MET B 103 19.70 -28.41 -16.54
CA MET B 103 21.05 -28.83 -16.11
C MET B 103 22.08 -27.84 -16.60
N GLU B 104 22.02 -27.52 -17.88
CA GLU B 104 22.94 -26.60 -18.50
C GLU B 104 22.85 -25.19 -17.91
N VAL B 105 21.68 -24.56 -18.04
CA VAL B 105 21.45 -23.21 -17.54
C VAL B 105 21.92 -23.00 -16.09
N PHE B 106 21.68 -23.98 -15.23
CA PHE B 106 22.08 -23.85 -13.83
C PHE B 106 23.49 -24.34 -13.52
N LYS B 107 24.25 -24.61 -14.57
CA LYS B 107 25.64 -25.09 -14.47
C LYS B 107 25.80 -26.48 -13.86
N PHE B 108 24.71 -27.25 -13.81
CA PHE B 108 24.76 -28.59 -13.26
C PHE B 108 25.53 -29.57 -14.16
N ASP B 109 25.87 -29.13 -15.36
CA ASP B 109 26.60 -29.98 -16.29
C ASP B 109 28.11 -29.71 -16.32
N THR B 110 28.54 -28.69 -15.60
CA THR B 110 29.97 -28.34 -15.56
C THR B 110 30.63 -28.93 -14.32
N ILE B 111 30.31 -30.19 -14.03
CA ILE B 111 30.84 -30.91 -12.87
C ILE B 111 30.98 -32.39 -13.20
N SER B 112 31.58 -33.16 -12.30
CA SER B 112 31.81 -34.59 -12.50
C SER B 112 30.52 -35.38 -12.76
N GLU B 113 30.65 -36.49 -13.47
CA GLU B 113 29.49 -37.32 -13.81
C GLU B 113 28.61 -37.69 -12.63
N LYS B 114 29.20 -38.29 -11.60
CA LYS B 114 28.44 -38.71 -10.42
C LYS B 114 27.67 -37.56 -9.77
N THR B 115 28.34 -36.45 -9.51
CA THR B 115 27.69 -35.30 -8.89
C THR B 115 26.54 -34.81 -9.77
N SER B 116 26.78 -34.71 -11.07
CA SER B 116 25.74 -34.27 -12.00
C SER B 116 24.53 -35.21 -11.90
N ASP B 117 24.79 -36.51 -11.96
CA ASP B 117 23.74 -37.53 -11.88
C ASP B 117 23.23 -37.74 -10.46
N GLN B 118 23.65 -36.89 -9.53
CA GLN B 118 23.22 -36.99 -8.13
C GLN B 118 23.03 -35.62 -7.51
N ILE B 119 22.58 -34.65 -8.31
CA ILE B 119 22.37 -33.28 -7.84
C ILE B 119 21.56 -33.14 -6.56
N HIS B 120 20.31 -33.57 -6.59
CA HIS B 120 19.42 -33.47 -5.43
C HIS B 120 20.05 -33.94 -4.13
N PHE B 121 20.66 -35.12 -4.12
CA PHE B 121 21.29 -35.66 -2.90
C PHE B 121 22.37 -34.72 -2.36
N PHE B 122 23.24 -34.21 -3.23
CA PHE B 122 24.30 -33.33 -2.79
C PHE B 122 23.83 -31.91 -2.45
N PHE B 123 22.65 -31.56 -2.94
CA PHE B 123 22.05 -30.27 -2.65
C PHE B 123 21.55 -30.40 -1.21
N ALA B 124 21.05 -31.60 -0.88
CA ALA B 124 20.56 -31.87 0.47
C ALA B 124 21.75 -31.74 1.42
N LYS B 125 22.90 -32.28 1.00
CA LYS B 125 24.13 -32.23 1.79
C LYS B 125 24.65 -30.80 1.98
N LEU B 126 24.72 -30.04 0.89
CA LEU B 126 25.17 -28.66 0.94
C LEU B 126 24.25 -27.90 1.89
N ASN B 127 22.94 -28.06 1.69
CA ASN B 127 21.97 -27.39 2.54
C ASN B 127 22.19 -27.78 4.00
N CYS B 128 22.42 -29.06 4.25
CA CYS B 128 22.67 -29.55 5.61
C CYS B 128 23.82 -28.75 6.22
N ARG B 129 24.86 -28.53 5.42
CA ARG B 129 26.02 -27.77 5.89
C ARG B 129 25.66 -26.30 6.10
N LEU B 130 24.80 -25.76 5.25
CA LEU B 130 24.39 -24.37 5.32
C LEU B 130 23.50 -24.05 6.51
N TYR B 131 22.38 -24.76 6.63
CA TYR B 131 21.40 -24.52 7.68
C TYR B 131 21.45 -25.37 8.95
N ARG B 132 22.15 -26.50 8.91
CA ARG B 132 22.22 -27.37 10.08
C ARG B 132 23.57 -27.37 10.76
N LYS B 133 24.40 -26.33 10.55
CA LYS B 133 25.71 -26.31 11.18
C LYS B 133 25.69 -25.90 12.65
N ALA B 134 26.05 -26.86 13.51
CA ALA B 134 26.10 -26.67 14.96
C ALA B 134 27.01 -25.52 15.38
N ASN B 135 26.59 -24.82 16.44
CA ASN B 135 27.34 -23.67 16.95
C ASN B 135 27.27 -22.57 15.90
N LYS B 136 26.07 -22.06 15.70
CA LYS B 136 25.85 -21.03 14.69
C LYS B 136 25.68 -19.65 15.31
N SER B 137 26.66 -18.78 15.07
CA SER B 137 26.63 -17.42 15.58
C SER B 137 25.63 -16.54 14.85
N SER B 138 25.38 -16.83 13.59
CA SER B 138 24.44 -16.07 12.77
C SER B 138 23.30 -17.00 12.38
N LYS B 139 22.12 -16.43 12.17
CA LYS B 139 20.94 -17.22 11.81
C LYS B 139 20.72 -17.41 10.32
N LEU B 140 20.82 -18.64 9.85
CA LEU B 140 20.59 -18.95 8.45
C LEU B 140 19.67 -20.18 8.38
N VAL B 141 18.44 -19.97 7.93
CA VAL B 141 17.45 -21.05 7.83
C VAL B 141 16.79 -21.04 6.46
N SER B 142 16.30 -22.20 6.04
CA SER B 142 15.62 -22.34 4.76
C SER B 142 14.42 -23.26 4.92
N ALA B 143 13.38 -23.03 4.12
CA ALA B 143 12.16 -23.82 4.14
C ALA B 143 11.65 -23.96 2.72
N ASN B 144 11.34 -25.19 2.32
CA ASN B 144 10.84 -25.49 0.98
C ASN B 144 9.42 -26.01 1.10
N ARG B 145 8.67 -25.99 0.00
CA ARG B 145 7.29 -26.46 0.05
C ARG B 145 6.60 -26.63 -1.30
N LEU B 146 5.70 -27.61 -1.38
CA LEU B 146 4.94 -27.88 -2.61
C LEU B 146 3.48 -27.61 -2.29
N PHE B 147 2.78 -26.98 -3.21
CA PHE B 147 1.35 -26.68 -3.05
C PHE B 147 0.71 -27.23 -4.32
N GLY B 148 -0.19 -28.19 -4.18
CA GLY B 148 -0.82 -28.79 -5.35
C GLY B 148 -2.33 -28.86 -5.23
N ASP B 149 -3.03 -28.78 -6.37
CA ASP B 149 -4.49 -28.80 -6.38
C ASP B 149 -5.12 -30.03 -5.74
N LYS B 150 -6.04 -29.78 -4.81
CA LYS B 150 -6.76 -30.82 -4.08
C LYS B 150 -7.35 -31.97 -4.87
N SER B 151 -7.72 -31.73 -6.13
CA SER B 151 -8.34 -32.76 -6.94
C SER B 151 -7.39 -33.74 -7.63
N LEU B 152 -6.14 -33.35 -7.82
CA LEU B 152 -5.18 -34.20 -8.51
C LEU B 152 -4.54 -35.27 -7.64
N THR B 153 -3.91 -36.24 -8.30
CA THR B 153 -3.21 -37.34 -7.67
C THR B 153 -1.76 -37.20 -8.10
N PHE B 154 -0.89 -36.77 -7.18
CA PHE B 154 0.52 -36.60 -7.47
C PHE B 154 1.33 -37.88 -7.29
N ASN B 155 2.45 -37.96 -7.99
CA ASN B 155 3.33 -39.12 -7.92
C ASN B 155 3.83 -39.26 -6.49
N GLU B 156 3.59 -40.42 -5.88
CA GLU B 156 4.03 -40.68 -4.51
C GLU B 156 5.53 -40.57 -4.36
N THR B 157 6.26 -41.23 -5.24
CA THR B 157 7.71 -41.21 -5.20
C THR B 157 8.18 -39.77 -5.33
N TYR B 158 7.55 -39.01 -6.24
CA TYR B 158 7.91 -37.61 -6.45
C TYR B 158 7.78 -36.87 -5.13
N GLN B 159 6.65 -37.04 -4.44
CA GLN B 159 6.45 -36.39 -3.17
C GLN B 159 7.53 -36.83 -2.19
N ASP B 160 7.66 -38.14 -2.02
CA ASP B 160 8.64 -38.71 -1.09
C ASP B 160 10.04 -38.16 -1.26
N ILE B 161 10.49 -38.06 -2.50
CA ILE B 161 11.84 -37.54 -2.76
C ILE B 161 11.97 -36.05 -2.43
N SER B 162 10.94 -35.26 -2.71
CA SER B 162 10.96 -33.83 -2.41
C SER B 162 11.00 -33.64 -0.90
N GLU B 163 10.17 -34.40 -0.20
CA GLU B 163 10.09 -34.34 1.25
C GLU B 163 11.38 -34.82 1.89
N LEU B 164 11.95 -35.87 1.32
CA LEU B 164 13.18 -36.46 1.83
C LEU B 164 14.40 -35.58 1.59
N VAL B 165 14.58 -35.15 0.35
CA VAL B 165 15.73 -34.34 -0.05
C VAL B 165 15.62 -32.84 0.26
N TYR B 166 14.48 -32.26 -0.06
CA TYR B 166 14.26 -30.83 0.16
C TYR B 166 13.42 -30.49 1.38
N GLY B 167 12.96 -31.51 2.10
CA GLY B 167 12.13 -31.26 3.25
C GLY B 167 10.87 -30.54 2.82
N ALA B 168 10.50 -30.70 1.56
CA ALA B 168 9.34 -30.04 1.02
C ALA B 168 8.12 -30.93 1.02
N LYS B 169 7.25 -30.72 1.99
CA LYS B 169 6.00 -31.47 2.08
C LYS B 169 5.06 -30.90 1.02
N LEU B 170 4.04 -31.67 0.66
CA LEU B 170 3.08 -31.22 -0.34
C LEU B 170 1.79 -30.83 0.36
N GLN B 171 1.47 -29.55 0.31
CA GLN B 171 0.25 -29.02 0.91
C GLN B 171 -0.81 -28.86 -0.18
N PRO B 172 -1.97 -29.50 0.00
CA PRO B 172 -3.04 -29.41 -0.99
C PRO B 172 -3.87 -28.13 -0.87
N LEU B 173 -3.99 -27.41 -1.98
CA LEU B 173 -4.77 -26.19 -2.04
C LEU B 173 -5.78 -26.32 -3.18
N ASP B 174 -6.82 -25.50 -3.15
CA ASP B 174 -7.88 -25.55 -4.16
C ASP B 174 -7.71 -24.46 -5.23
N PHE B 175 -6.76 -24.66 -6.13
CA PHE B 175 -6.54 -23.69 -7.20
C PHE B 175 -7.75 -23.74 -8.13
N LYS B 176 -8.18 -24.96 -8.44
CA LYS B 176 -9.32 -25.23 -9.31
C LYS B 176 -10.53 -24.32 -9.09
N GLU B 177 -10.82 -24.00 -7.83
CA GLU B 177 -11.98 -23.14 -7.55
C GLU B 177 -11.68 -21.92 -6.68
N ASN B 178 -10.59 -21.98 -5.92
CA ASN B 178 -10.17 -20.86 -5.07
C ASN B 178 -8.74 -20.48 -5.39
N ALA B 179 -8.48 -20.14 -6.65
CA ALA B 179 -7.14 -19.75 -7.09
C ALA B 179 -6.56 -18.61 -6.26
N GLU B 180 -7.25 -17.47 -6.26
CA GLU B 180 -6.78 -16.31 -5.51
C GLU B 180 -6.56 -16.61 -4.02
N GLN B 181 -7.52 -17.28 -3.39
CA GLN B 181 -7.39 -17.60 -1.96
C GLN B 181 -6.16 -18.48 -1.73
N SER B 182 -5.96 -19.44 -2.62
CA SER B 182 -4.82 -20.34 -2.52
C SER B 182 -3.53 -19.53 -2.60
N ARG B 183 -3.52 -18.52 -3.47
CA ARG B 183 -2.34 -17.66 -3.63
C ARG B 183 -1.98 -16.98 -2.32
N ALA B 184 -2.98 -16.39 -1.66
CA ALA B 184 -2.76 -15.71 -0.39
C ALA B 184 -2.21 -16.69 0.64
N ALA B 185 -2.65 -17.95 0.57
CA ALA B 185 -2.18 -18.97 1.50
C ALA B 185 -0.69 -19.19 1.32
N ILE B 186 -0.27 -19.37 0.08
CA ILE B 186 1.13 -19.57 -0.26
C ILE B 186 1.99 -18.42 0.27
N ASN B 187 1.57 -17.20 -0.02
CA ASN B 187 2.28 -16.01 0.43
C ASN B 187 2.38 -15.96 1.94
N LYS B 188 1.28 -16.25 2.63
CA LYS B 188 1.28 -16.22 4.08
C LYS B 188 2.26 -17.24 4.67
N TRP B 189 2.46 -18.36 3.96
CA TRP B 189 3.41 -19.36 4.41
C TRP B 189 4.82 -18.80 4.24
N VAL B 190 5.09 -18.22 3.07
CA VAL B 190 6.39 -17.63 2.78
C VAL B 190 6.76 -16.52 3.77
N SER B 191 5.77 -15.73 4.16
CA SER B 191 5.98 -14.68 5.14
C SER B 191 6.37 -15.30 6.47
N ASN B 192 5.66 -16.36 6.84
CA ASN B 192 5.91 -17.07 8.10
C ASN B 192 7.34 -17.53 8.18
N LYS B 193 7.84 -18.13 7.10
CA LYS B 193 9.21 -18.63 7.10
C LYS B 193 10.25 -17.51 7.08
N THR B 194 9.95 -16.43 6.37
CA THR B 194 10.89 -15.31 6.26
C THR B 194 10.73 -14.20 7.30
N GLU B 195 10.17 -14.54 8.46
CA GLU B 195 9.97 -13.57 9.52
C GLU B 195 9.23 -12.30 9.08
N GLY B 196 8.17 -12.46 8.30
CA GLY B 196 7.41 -11.31 7.84
C GLY B 196 8.14 -10.32 6.94
N ARG B 197 9.24 -10.75 6.33
CA ARG B 197 10.01 -9.90 5.44
C ARG B 197 9.55 -10.04 3.99
N ILE B 198 9.23 -11.27 3.60
CA ILE B 198 8.74 -11.54 2.25
C ILE B 198 7.26 -11.88 2.45
N THR B 199 6.39 -11.01 1.97
CA THR B 199 4.95 -11.23 2.14
C THR B 199 4.14 -11.31 0.84
N ASP B 200 4.76 -11.06 -0.31
CA ASP B 200 4.03 -11.09 -1.57
C ASP B 200 4.92 -11.54 -2.73
N VAL B 201 5.28 -12.82 -2.76
CA VAL B 201 6.15 -13.34 -3.82
C VAL B 201 5.38 -13.58 -5.11
N ILE B 202 4.18 -14.16 -4.98
CA ILE B 202 3.35 -14.43 -6.14
C ILE B 202 2.40 -13.26 -6.34
N PRO B 203 2.45 -12.61 -7.52
CA PRO B 203 1.59 -11.48 -7.83
C PRO B 203 0.15 -11.92 -8.08
N SER B 204 -0.79 -11.00 -7.93
CA SER B 204 -2.20 -11.30 -8.14
C SER B 204 -2.46 -11.87 -9.53
N GLU B 205 -3.46 -12.74 -9.62
CA GLU B 205 -3.85 -13.36 -10.87
C GLU B 205 -2.78 -14.24 -11.53
N ALA B 206 -1.66 -14.46 -10.84
CA ALA B 206 -0.58 -15.32 -11.37
C ALA B 206 -1.05 -16.76 -11.39
N ILE B 207 -1.77 -17.13 -10.34
CA ILE B 207 -2.33 -18.46 -10.15
C ILE B 207 -3.79 -18.41 -10.59
N ASN B 208 -4.22 -19.41 -11.35
CA ASN B 208 -5.59 -19.46 -11.82
C ASN B 208 -6.21 -20.87 -11.76
N GLU B 209 -7.35 -21.05 -12.42
CA GLU B 209 -8.06 -22.33 -12.42
C GLU B 209 -7.28 -23.53 -12.97
N LEU B 210 -6.43 -23.30 -13.96
CA LEU B 210 -5.65 -24.40 -14.53
C LEU B 210 -4.31 -24.64 -13.84
N THR B 211 -4.12 -24.10 -12.64
CA THR B 211 -2.87 -24.30 -11.92
C THR B 211 -2.83 -25.67 -11.28
N VAL B 212 -1.73 -26.40 -11.52
CA VAL B 212 -1.55 -27.73 -10.97
C VAL B 212 -0.70 -27.76 -9.69
N LEU B 213 0.51 -27.22 -9.77
CA LEU B 213 1.42 -27.22 -8.62
C LEU B 213 2.21 -25.91 -8.47
N VAL B 214 2.70 -25.66 -7.27
CA VAL B 214 3.51 -24.48 -6.97
C VAL B 214 4.64 -24.93 -6.05
N LEU B 215 5.88 -24.77 -6.52
CA LEU B 215 7.09 -25.15 -5.76
C LEU B 215 7.68 -23.89 -5.18
N VAL B 216 7.91 -23.87 -3.88
CA VAL B 216 8.41 -22.66 -3.22
C VAL B 216 9.62 -22.93 -2.33
N ASN B 217 10.55 -21.99 -2.32
CA ASN B 217 11.74 -22.09 -1.47
C ASN B 217 11.83 -20.75 -0.75
N THR B 218 12.42 -20.77 0.43
CA THR B 218 12.59 -19.56 1.23
C THR B 218 13.91 -19.62 1.97
N ILE B 219 14.66 -18.53 1.97
CA ILE B 219 15.93 -18.47 2.69
C ILE B 219 15.91 -17.21 3.54
N TYR B 220 16.37 -17.33 4.78
CA TYR B 220 16.37 -16.22 5.69
C TYR B 220 17.66 -16.12 6.49
N PHE B 221 18.31 -14.98 6.39
CA PHE B 221 19.56 -14.72 7.10
C PHE B 221 19.39 -13.50 8.01
N LYS B 222 19.95 -13.58 9.21
CA LYS B 222 19.91 -12.48 10.17
C LYS B 222 21.14 -12.62 11.05
N GLY B 223 22.17 -11.82 10.77
CA GLY B 223 23.39 -11.89 11.55
C GLY B 223 23.80 -10.58 12.17
N LEU B 224 24.72 -10.65 13.14
CA LEU B 224 25.23 -9.47 13.82
C LEU B 224 26.65 -9.18 13.34
N TRP B 225 26.97 -7.91 13.16
CA TRP B 225 28.30 -7.52 12.71
C TRP B 225 29.32 -7.99 13.74
N LYS B 226 30.51 -8.39 13.30
CA LYS B 226 31.55 -8.80 14.25
C LYS B 226 31.98 -7.49 14.91
N SER B 227 32.13 -6.46 14.08
CA SER B 227 32.53 -5.12 14.51
C SER B 227 31.33 -4.21 14.22
N LYS B 228 30.46 -4.04 15.21
CA LYS B 228 29.27 -3.21 15.04
C LYS B 228 29.56 -1.73 14.92
N PHE B 229 28.57 -0.99 14.47
CA PHE B 229 28.66 0.47 14.31
C PHE B 229 27.97 1.11 15.52
N SER B 230 28.40 2.32 15.88
CA SER B 230 27.81 3.03 17.00
C SER B 230 26.85 4.09 16.49
N PRO B 231 25.58 4.02 16.90
CA PRO B 231 24.52 4.96 16.50
C PRO B 231 24.78 6.43 16.81
N GLU B 232 25.70 6.70 17.74
CA GLU B 232 26.03 8.09 18.08
C GLU B 232 27.00 8.69 17.06
N ASN B 233 27.42 7.86 16.11
CA ASN B 233 28.33 8.30 15.05
C ASN B 233 27.60 8.31 13.72
N THR B 234 26.36 7.84 13.72
CA THR B 234 25.57 7.82 12.50
C THR B 234 25.02 9.21 12.26
N ARG B 235 25.21 9.70 11.05
CA ARG B 235 24.73 11.01 10.69
C ARG B 235 23.75 10.92 9.54
N LYS B 236 23.36 12.07 9.02
CA LYS B 236 22.41 12.14 7.93
C LYS B 236 22.94 13.10 6.88
N GLU B 237 22.65 12.81 5.61
CA GLU B 237 23.08 13.67 4.52
C GLU B 237 22.15 13.47 3.33
N LEU B 238 22.14 14.44 2.42
CA LEU B 238 21.30 14.37 1.23
C LEU B 238 21.93 13.50 0.16
N PHE B 239 21.12 12.63 -0.41
CA PHE B 239 21.57 11.76 -1.47
C PHE B 239 21.00 12.34 -2.77
N TYR B 240 21.86 12.58 -3.75
CA TYR B 240 21.39 13.12 -5.01
C TYR B 240 21.21 12.05 -6.08
N LYS B 241 19.99 11.95 -6.59
CA LYS B 241 19.64 10.98 -7.62
C LYS B 241 20.01 11.50 -9.00
N ALA B 242 20.16 10.57 -9.95
CA ALA B 242 20.53 10.93 -11.31
C ALA B 242 19.64 12.00 -11.92
N ASP B 243 18.34 11.93 -11.61
CA ASP B 243 17.37 12.89 -12.13
C ASP B 243 17.50 14.31 -11.55
N GLY B 244 18.12 14.42 -10.37
CA GLY B 244 18.29 15.72 -9.76
C GLY B 244 17.66 15.87 -8.39
N GLU B 245 16.85 14.90 -7.99
CA GLU B 245 16.19 14.94 -6.69
C GLU B 245 17.08 14.49 -5.54
N SER B 246 16.56 14.58 -4.32
CA SER B 246 17.31 14.20 -3.13
C SER B 246 16.47 13.40 -2.15
N CYS B 247 17.15 12.83 -1.17
CA CYS B 247 16.52 12.05 -0.10
C CYS B 247 17.52 12.00 1.06
N SER B 248 17.03 11.69 2.26
CA SER B 248 17.92 11.62 3.41
C SER B 248 18.50 10.23 3.58
N ALA B 249 19.81 10.18 3.78
CA ALA B 249 20.52 8.93 3.97
C ALA B 249 21.24 8.93 5.30
N SER B 250 20.93 7.95 6.14
CA SER B 250 21.59 7.83 7.43
C SER B 250 22.91 7.13 7.18
N MET B 251 23.99 7.90 7.12
CA MET B 251 25.32 7.38 6.85
C MET B 251 26.05 6.94 8.12
N MET B 252 26.30 5.63 8.22
CA MET B 252 26.98 5.05 9.36
C MET B 252 28.49 5.24 9.24
N TYR B 253 29.16 5.39 10.38
CA TYR B 253 30.60 5.59 10.43
C TYR B 253 31.26 4.60 11.37
N GLN B 254 32.48 4.20 11.02
CA GLN B 254 33.23 3.26 11.83
C GLN B 254 34.70 3.35 11.43
N GLU B 255 35.58 2.87 12.31
CA GLU B 255 37.02 2.88 12.08
C GLU B 255 37.55 1.62 12.74
N GLY B 256 38.20 0.75 11.96
CA GLY B 256 38.75 -0.49 12.49
C GLY B 256 39.44 -1.32 11.41
N LYS B 257 40.02 -2.45 11.80
CA LYS B 257 40.70 -3.32 10.85
C LYS B 257 39.69 -4.15 10.08
N PHE B 258 39.87 -4.24 8.76
CA PHE B 258 38.97 -4.98 7.89
C PHE B 258 39.76 -5.46 6.69
N ARG B 259 39.37 -6.60 6.13
CA ARG B 259 40.06 -7.12 4.95
C ARG B 259 39.60 -6.24 3.80
N TYR B 260 40.52 -5.44 3.28
CA TYR B 260 40.24 -4.50 2.20
C TYR B 260 41.27 -4.66 1.08
N ARG B 261 40.97 -4.12 -0.09
CA ARG B 261 41.88 -4.19 -1.24
C ARG B 261 41.43 -3.26 -2.35
N ARG B 262 42.29 -2.33 -2.76
CA ARG B 262 41.97 -1.43 -3.85
C ARG B 262 42.52 -2.14 -5.08
N VAL B 263 41.64 -2.54 -5.99
CA VAL B 263 42.04 -3.26 -7.19
C VAL B 263 42.14 -2.43 -8.48
N ALA B 264 42.07 -3.12 -9.63
CA ALA B 264 42.16 -2.49 -10.95
C ALA B 264 41.25 -1.28 -11.13
N GLU B 265 41.82 -0.25 -11.74
CA GLU B 265 41.11 0.99 -12.00
C GLU B 265 40.54 1.65 -10.73
N GLY B 266 41.16 1.37 -9.60
CA GLY B 266 40.76 1.96 -8.33
C GLY B 266 39.50 1.42 -7.66
N THR B 267 39.08 0.22 -8.01
CA THR B 267 37.88 -0.36 -7.41
C THR B 267 38.18 -0.88 -6.01
N GLN B 268 37.42 -0.40 -5.03
CA GLN B 268 37.60 -0.82 -3.64
C GLN B 268 36.78 -2.07 -3.37
N VAL B 269 37.34 -2.96 -2.56
CA VAL B 269 36.68 -4.19 -2.16
C VAL B 269 36.81 -4.25 -0.64
N LEU B 270 35.68 -4.22 0.06
CA LEU B 270 35.66 -4.26 1.52
C LEU B 270 34.86 -5.45 2.01
N GLU B 271 35.32 -6.09 3.08
CA GLU B 271 34.62 -7.23 3.65
C GLU B 271 34.14 -6.95 5.08
N LEU B 272 32.88 -7.24 5.34
CA LEU B 272 32.27 -7.03 6.65
C LEU B 272 31.83 -8.38 7.24
N PRO B 273 32.71 -9.05 8.00
CA PRO B 273 32.39 -10.35 8.61
C PRO B 273 31.36 -10.24 9.72
N PHE B 274 30.44 -11.19 9.77
CA PHE B 274 29.43 -11.21 10.81
C PHE B 274 30.06 -11.94 11.99
N LYS B 275 29.36 -12.01 13.12
CA LYS B 275 29.92 -12.66 14.29
C LYS B 275 30.22 -14.11 13.93
N GLY B 276 31.46 -14.53 14.16
CA GLY B 276 31.84 -15.90 13.85
C GLY B 276 32.62 -16.09 12.58
N ASP B 277 32.61 -15.08 11.70
CA ASP B 277 33.33 -15.12 10.43
C ASP B 277 32.91 -16.20 9.41
N ASP B 278 31.94 -17.04 9.79
CA ASP B 278 31.43 -18.08 8.91
C ASP B 278 30.72 -17.47 7.70
N ILE B 279 30.10 -16.31 7.93
CA ILE B 279 29.39 -15.56 6.90
C ILE B 279 29.94 -14.13 6.90
N THR B 280 30.14 -13.55 5.71
CA THR B 280 30.66 -12.20 5.58
C THR B 280 29.99 -11.48 4.43
N MET B 281 30.00 -10.15 4.49
CA MET B 281 29.42 -9.31 3.45
C MET B 281 30.55 -8.67 2.65
N VAL B 282 30.51 -8.83 1.33
CA VAL B 282 31.52 -8.24 0.48
C VAL B 282 30.89 -7.01 -0.19
N LEU B 283 31.64 -5.92 -0.22
CA LEU B 283 31.20 -4.67 -0.82
C LEU B 283 32.18 -4.32 -1.91
N ILE B 284 31.68 -4.07 -3.12
CA ILE B 284 32.54 -3.70 -4.23
C ILE B 284 32.14 -2.30 -4.68
N LEU B 285 33.06 -1.35 -4.54
CA LEU B 285 32.80 0.02 -4.91
C LEU B 285 33.76 0.41 -6.03
N PRO B 286 33.23 0.72 -7.23
CA PRO B 286 34.09 1.12 -8.34
C PRO B 286 34.70 2.49 -8.08
N LYS B 287 35.66 2.88 -8.91
CA LYS B 287 36.34 4.17 -8.79
C LYS B 287 35.32 5.30 -8.65
N PRO B 288 35.53 6.22 -7.68
CA PRO B 288 34.71 7.39 -7.34
C PRO B 288 33.85 8.03 -8.43
N GLU B 289 34.26 7.91 -9.68
CA GLU B 289 33.49 8.44 -10.79
C GLU B 289 33.73 7.49 -11.98
N LYS B 290 33.30 6.25 -11.80
CA LYS B 290 33.45 5.20 -12.80
C LYS B 290 32.17 4.36 -12.86
N SER B 291 31.96 3.66 -13.97
CA SER B 291 30.77 2.85 -14.12
C SER B 291 30.97 1.46 -13.51
N LEU B 292 29.97 0.99 -12.79
CA LEU B 292 30.00 -0.32 -12.17
C LEU B 292 29.87 -1.37 -13.29
N ALA B 293 29.31 -0.92 -14.42
CA ALA B 293 29.08 -1.76 -15.59
C ALA B 293 30.28 -2.58 -16.03
N LYS B 294 31.48 -2.00 -15.95
CA LYS B 294 32.68 -2.74 -16.36
C LYS B 294 32.89 -3.92 -15.41
N VAL B 295 32.75 -3.65 -14.10
CA VAL B 295 32.90 -4.67 -13.06
C VAL B 295 31.90 -5.79 -13.29
N GLU B 296 30.62 -5.42 -13.33
CA GLU B 296 29.53 -6.38 -13.53
C GLU B 296 29.74 -7.26 -14.76
N LYS B 297 30.12 -6.66 -15.86
CA LYS B 297 30.34 -7.42 -17.09
C LYS B 297 31.42 -8.48 -16.93
N GLU B 298 32.47 -8.17 -16.17
CA GLU B 298 33.56 -9.11 -15.94
C GLU B 298 33.37 -9.97 -14.70
N LEU B 299 32.12 -10.09 -14.26
CA LEU B 299 31.81 -10.88 -13.07
C LEU B 299 31.87 -12.39 -13.27
N THR B 300 32.89 -13.02 -12.70
CA THR B 300 33.06 -14.46 -12.77
C THR B 300 33.43 -14.92 -11.38
N PRO B 301 33.04 -16.15 -11.00
CA PRO B 301 33.37 -16.65 -9.67
C PRO B 301 34.89 -16.64 -9.49
N GLU B 302 35.60 -16.80 -10.59
CA GLU B 302 37.05 -16.79 -10.59
C GLU B 302 37.58 -15.41 -10.15
N VAL B 303 37.06 -14.35 -10.76
CA VAL B 303 37.48 -12.99 -10.44
C VAL B 303 37.10 -12.64 -9.00
N LEU B 304 35.87 -13.01 -8.63
CA LEU B 304 35.38 -12.76 -7.28
C LEU B 304 36.33 -13.38 -6.27
N GLN B 305 36.83 -14.57 -6.58
CA GLN B 305 37.74 -15.27 -5.72
C GLN B 305 39.07 -14.56 -5.64
N GLU B 306 39.55 -14.07 -6.78
CA GLU B 306 40.82 -13.36 -6.85
C GLU B 306 40.81 -12.17 -5.91
N TRP B 307 39.77 -11.34 -6.03
CA TRP B 307 39.62 -10.16 -5.19
C TRP B 307 39.73 -10.50 -3.71
N LEU B 308 38.90 -11.44 -3.27
CA LEU B 308 38.89 -11.88 -1.87
C LEU B 308 40.23 -12.47 -1.45
N ASP B 309 40.91 -13.13 -2.39
CA ASP B 309 42.21 -13.72 -2.11
C ASP B 309 43.28 -12.66 -1.94
N GLU B 310 43.07 -11.50 -2.57
CA GLU B 310 43.99 -10.37 -2.50
C GLU B 310 43.76 -9.48 -1.27
N LEU B 311 42.57 -9.53 -0.69
CA LEU B 311 42.23 -8.71 0.47
C LEU B 311 43.26 -8.88 1.57
N GLU B 312 43.64 -7.77 2.19
CA GLU B 312 44.64 -7.78 3.26
C GLU B 312 44.08 -6.98 4.42
N GLU B 313 44.05 -7.59 5.60
CA GLU B 313 43.56 -6.95 6.82
C GLU B 313 44.25 -5.60 7.00
N MET B 314 43.45 -4.53 7.03
CA MET B 314 43.97 -3.17 7.18
C MET B 314 43.08 -2.28 8.06
N MET B 315 43.66 -1.23 8.61
CA MET B 315 42.92 -0.29 9.45
C MET B 315 42.32 0.76 8.53
N LEU B 316 41.03 1.02 8.67
CA LEU B 316 40.37 2.00 7.81
C LEU B 316 39.09 2.56 8.39
N VAL B 317 38.57 3.58 7.71
CA VAL B 317 37.35 4.25 8.09
C VAL B 317 36.25 3.73 7.18
N VAL B 318 35.21 3.15 7.78
CA VAL B 318 34.09 2.63 7.02
C VAL B 318 32.86 3.51 7.12
N HIS B 319 32.29 3.82 5.97
CA HIS B 319 31.10 4.63 5.83
C HIS B 319 30.13 3.80 5.02
N MET B 320 28.93 3.62 5.55
CA MET B 320 27.95 2.80 4.89
C MET B 320 26.58 3.25 5.35
N PRO B 321 25.61 3.32 4.42
CA PRO B 321 24.28 3.75 4.82
C PRO B 321 23.48 2.69 5.57
N ARG B 322 22.71 3.17 6.54
CA ARG B 322 21.81 2.32 7.32
C ARG B 322 20.64 2.34 6.36
N PHE B 323 20.40 1.23 5.66
CA PHE B 323 19.32 1.19 4.68
C PHE B 323 18.47 -0.07 4.65
N ARG B 324 17.57 -0.10 3.67
CA ARG B 324 16.68 -1.22 3.43
C ARG B 324 16.29 -1.21 1.96
N ILE B 325 16.44 -2.34 1.29
CA ILE B 325 16.04 -2.45 -0.10
C ILE B 325 15.25 -3.74 -0.30
N GLU B 326 14.45 -3.77 -1.35
CA GLU B 326 13.63 -4.92 -1.69
C GLU B 326 13.53 -4.95 -3.20
N ASP B 327 13.53 -6.16 -3.76
CA ASP B 327 13.44 -6.31 -5.21
C ASP B 327 12.66 -7.59 -5.51
N GLY B 328 11.65 -7.47 -6.35
CA GLY B 328 10.84 -8.61 -6.73
C GLY B 328 10.67 -8.55 -8.22
N PHE B 329 10.66 -9.71 -8.88
CA PHE B 329 10.53 -9.76 -10.32
C PHE B 329 10.28 -11.20 -10.79
N SER B 330 9.90 -11.34 -12.05
CA SER B 330 9.64 -12.64 -12.66
C SER B 330 10.98 -13.10 -13.24
N LEU B 331 11.18 -14.42 -13.29
CA LEU B 331 12.42 -14.97 -13.79
C LEU B 331 12.37 -15.47 -15.24
N LYS B 332 11.15 -15.64 -15.74
CA LYS B 332 10.93 -16.13 -17.10
C LYS B 332 11.79 -15.50 -18.22
N GLU B 333 11.69 -14.19 -18.41
CA GLU B 333 12.47 -13.55 -19.48
C GLU B 333 13.97 -13.85 -19.41
N GLN B 334 14.56 -13.66 -18.23
CA GLN B 334 15.98 -13.89 -18.03
C GLN B 334 16.39 -15.32 -18.32
N LEU B 335 15.74 -16.27 -17.66
CA LEU B 335 16.08 -17.69 -17.84
C LEU B 335 16.01 -18.13 -19.29
N GLN B 336 15.00 -17.65 -20.03
CA GLN B 336 14.87 -18.00 -21.42
C GLN B 336 16.08 -17.48 -22.18
N ASP B 337 16.44 -16.22 -21.97
CA ASP B 337 17.59 -15.62 -22.63
C ASP B 337 18.88 -16.24 -22.13
N MET B 338 18.74 -17.17 -21.17
CA MET B 338 19.87 -17.85 -20.59
C MET B 338 19.93 -19.32 -21.01
N GLY B 339 18.94 -19.74 -21.80
CA GLY B 339 18.91 -21.12 -22.28
C GLY B 339 17.65 -21.91 -22.00
N LEU B 340 16.93 -21.55 -20.95
CA LEU B 340 15.71 -22.26 -20.57
C LEU B 340 14.51 -21.89 -21.44
N VAL B 341 14.22 -22.72 -22.43
CA VAL B 341 13.11 -22.47 -23.34
C VAL B 341 11.91 -23.38 -23.09
N ASP B 342 12.11 -24.68 -23.29
CA ASP B 342 11.06 -25.70 -23.13
C ASP B 342 10.21 -25.64 -21.87
N LEU B 343 10.86 -25.47 -20.71
CA LEU B 343 10.17 -25.43 -19.43
C LEU B 343 8.95 -24.52 -19.38
N PHE B 344 8.97 -23.45 -20.17
CA PHE B 344 7.88 -22.49 -20.19
C PHE B 344 6.94 -22.66 -21.38
N SER B 345 7.25 -23.62 -22.24
CA SER B 345 6.45 -23.87 -23.45
C SER B 345 5.41 -24.97 -23.24
N PRO B 346 4.12 -24.63 -23.34
CA PRO B 346 3.02 -25.60 -23.18
C PRO B 346 3.03 -26.69 -24.25
N GLU B 347 3.86 -26.51 -25.27
CA GLU B 347 3.96 -27.46 -26.37
C GLU B 347 5.23 -28.31 -26.29
N LYS B 348 6.31 -27.74 -25.78
CA LYS B 348 7.58 -28.46 -25.70
C LYS B 348 8.07 -28.84 -24.31
N SER B 349 7.35 -28.42 -23.27
CA SER B 349 7.72 -28.73 -21.90
C SER B 349 7.53 -30.21 -21.62
N LYS B 350 8.32 -30.75 -20.70
CA LYS B 350 8.24 -32.16 -20.33
C LYS B 350 8.40 -32.34 -18.83
N LEU B 351 7.29 -32.54 -18.13
CA LEU B 351 7.31 -32.73 -16.68
C LEU B 351 6.47 -33.96 -16.30
N PRO B 352 6.87 -35.15 -16.76
CA PRO B 352 6.16 -36.42 -16.50
C PRO B 352 6.19 -36.94 -15.05
N GLY B 353 7.19 -36.53 -14.27
CA GLY B 353 7.29 -37.00 -12.91
C GLY B 353 6.60 -36.21 -11.82
N ILE B 354 5.51 -35.50 -12.13
CA ILE B 354 4.82 -34.72 -11.11
C ILE B 354 3.51 -35.37 -10.65
N VAL B 355 2.52 -35.45 -11.55
CA VAL B 355 1.23 -36.06 -11.22
C VAL B 355 1.17 -37.51 -11.69
N ALA B 356 0.66 -38.40 -10.83
CA ALA B 356 0.56 -39.82 -11.15
C ALA B 356 -0.29 -40.07 -12.39
N GLU B 357 -1.27 -39.20 -12.61
CA GLU B 357 -2.20 -39.30 -13.74
C GLU B 357 -1.55 -39.24 -15.13
N GLY B 358 -0.23 -39.33 -15.19
CA GLY B 358 0.48 -39.29 -16.47
C GLY B 358 0.24 -38.02 -17.25
N ARG B 359 -0.20 -36.95 -16.57
CA ARG B 359 -0.45 -35.67 -17.22
C ARG B 359 0.87 -35.04 -17.63
N ASP B 360 1.28 -35.34 -18.85
CA ASP B 360 2.53 -34.83 -19.40
C ASP B 360 2.25 -33.67 -20.33
N ASP B 361 1.39 -32.76 -19.88
CA ASP B 361 1.01 -31.55 -20.63
C ASP B 361 1.44 -30.35 -19.79
N LEU B 362 2.01 -30.63 -18.62
CA LEU B 362 2.44 -29.60 -17.70
C LEU B 362 3.60 -28.77 -18.21
N TYR B 363 3.57 -27.48 -17.88
CA TYR B 363 4.59 -26.53 -18.28
C TYR B 363 4.63 -25.49 -17.17
N VAL B 364 5.76 -24.81 -16.99
CA VAL B 364 5.84 -23.76 -15.98
C VAL B 364 5.34 -22.48 -16.62
N SER B 365 4.23 -21.97 -16.11
CA SER B 365 3.61 -20.75 -16.59
C SER B 365 4.52 -19.55 -16.38
N ASP B 366 4.96 -19.37 -15.13
CA ASP B 366 5.84 -18.27 -14.75
C ASP B 366 6.52 -18.57 -13.40
N ALA B 367 7.64 -17.89 -13.13
CA ALA B 367 8.41 -18.04 -11.89
C ALA B 367 8.64 -16.65 -11.31
N PHE B 368 8.66 -16.54 -9.99
CA PHE B 368 8.83 -15.24 -9.34
C PHE B 368 9.89 -15.29 -8.26
N HIS B 369 10.44 -14.12 -7.94
CA HIS B 369 11.48 -14.02 -6.91
C HIS B 369 11.29 -12.68 -6.21
N LYS B 370 11.57 -12.63 -4.92
CA LYS B 370 11.48 -11.41 -4.13
C LYS B 370 12.46 -11.49 -2.99
N ALA B 371 13.32 -10.47 -2.86
CA ALA B 371 14.34 -10.44 -1.80
C ALA B 371 14.19 -9.18 -0.94
N PHE B 372 14.77 -9.23 0.25
CA PHE B 372 14.72 -8.13 1.22
C PHE B 372 16.09 -7.97 1.84
N LEU B 373 16.53 -6.72 1.98
CA LEU B 373 17.82 -6.45 2.60
C LEU B 373 17.69 -5.23 3.51
N GLU B 374 18.32 -5.29 4.67
CA GLU B 374 18.30 -4.19 5.63
C GLU B 374 19.59 -4.23 6.41
N VAL B 375 20.24 -3.08 6.57
CA VAL B 375 21.48 -3.03 7.33
C VAL B 375 21.43 -1.88 8.34
N ASN B 376 22.03 -2.11 9.50
CA ASN B 376 22.08 -1.12 10.57
C ASN B 376 23.38 -1.27 11.36
N GLU B 377 23.47 -0.60 12.49
CA GLU B 377 24.68 -0.67 13.31
C GLU B 377 24.89 -2.04 13.96
N GLU B 378 23.81 -2.81 14.09
CA GLU B 378 23.87 -4.13 14.70
C GLU B 378 24.31 -5.22 13.71
N GLY B 379 23.68 -5.25 12.54
CA GLY B 379 24.03 -6.22 11.53
C GLY B 379 23.25 -6.05 10.24
N SER B 380 22.92 -7.17 9.61
CA SER B 380 22.14 -7.20 8.37
C SER B 380 21.16 -8.36 8.37
N GLU B 381 19.95 -8.08 7.92
CA GLU B 381 18.91 -9.07 7.82
C GLU B 381 18.61 -9.17 6.31
N ALA B 382 18.20 -10.35 5.87
CA ALA B 382 17.89 -10.57 4.48
C ALA B 382 17.01 -11.82 4.39
N ALA B 383 16.05 -11.78 3.47
CA ALA B 383 15.13 -12.88 3.26
C ALA B 383 14.92 -13.00 1.75
N ALA B 384 14.50 -14.16 1.29
CA ALA B 384 14.28 -14.34 -0.14
C ALA B 384 13.37 -15.53 -0.38
N SER B 385 12.70 -15.52 -1.53
CA SER B 385 11.81 -16.61 -1.90
C SER B 385 11.75 -16.78 -3.42
N THR B 386 11.34 -17.97 -3.87
CA THR B 386 11.23 -18.27 -5.29
C THR B 386 10.01 -19.15 -5.47
N ALA B 387 9.02 -18.65 -6.21
CA ALA B 387 7.78 -19.38 -6.46
C ALA B 387 7.66 -19.83 -7.91
N VAL B 388 7.60 -21.14 -8.12
CA VAL B 388 7.50 -21.71 -9.45
C VAL B 388 6.10 -22.29 -9.69
N VAL B 389 5.35 -21.68 -10.62
CA VAL B 389 4.00 -22.14 -10.90
C VAL B 389 3.87 -23.03 -12.15
N ILE B 390 3.38 -24.25 -11.95
CA ILE B 390 3.16 -25.18 -13.04
C ILE B 390 1.73 -24.94 -13.53
N ALA B 391 1.60 -24.43 -14.75
CA ALA B 391 0.31 -24.14 -15.39
C ALA B 391 -0.43 -22.99 -14.72
N GLY B 392 -0.57 -21.87 -15.43
CA GLY B 392 -1.26 -20.73 -14.83
C GLY B 392 -1.39 -19.53 -15.75
N ARG B 393 -1.11 -18.35 -15.19
CA ARG B 393 -1.21 -17.11 -15.95
C ARG B 393 0.17 -16.53 -16.30
N SER B 394 0.52 -16.53 -17.57
CA SER B 394 1.81 -15.99 -18.00
C SER B 394 1.68 -14.46 -18.16
N LEU B 395 1.74 -13.76 -17.04
CA LEU B 395 1.63 -12.30 -17.02
C LEU B 395 3.01 -11.65 -17.05
N ASN B 396 3.05 -10.34 -17.28
CA ASN B 396 4.32 -9.60 -17.29
C ASN B 396 4.27 -8.54 -16.18
N PRO B 397 4.94 -8.82 -15.05
CA PRO B 397 5.03 -7.96 -13.87
C PRO B 397 5.54 -6.53 -14.07
N ASN B 398 5.57 -5.76 -12.99
CA ASN B 398 6.01 -4.37 -12.99
C ASN B 398 7.26 -4.15 -13.83
N ARG B 399 7.21 -3.11 -14.66
CA ARG B 399 8.30 -2.77 -15.56
C ARG B 399 8.95 -1.42 -15.20
N VAL B 400 8.66 -0.90 -14.01
CA VAL B 400 9.24 0.38 -13.58
C VAL B 400 9.49 0.51 -12.08
N THR B 401 10.66 1.06 -11.75
CA THR B 401 11.08 1.29 -10.37
C THR B 401 12.06 2.45 -10.40
N PHE B 402 12.25 3.13 -9.27
CA PHE B 402 13.15 4.28 -9.21
C PHE B 402 14.61 4.04 -9.56
N LYS B 403 15.22 5.02 -10.23
CA LYS B 403 16.63 4.95 -10.61
C LYS B 403 17.40 6.06 -9.92
N ALA B 404 17.96 5.75 -8.74
CA ALA B 404 18.71 6.72 -7.96
C ALA B 404 20.06 7.07 -8.59
N ASN B 405 21.16 6.64 -7.97
CA ASN B 405 22.50 6.96 -8.48
C ASN B 405 23.60 6.32 -7.63
N ARG B 406 24.81 6.27 -8.18
CA ARG B 406 26.00 5.74 -7.52
C ARG B 406 25.80 4.46 -6.70
N PRO B 407 25.53 3.33 -7.37
CA PRO B 407 25.32 2.05 -6.68
C PRO B 407 26.59 1.22 -6.47
N PHE B 408 26.59 0.44 -5.39
CA PHE B 408 27.70 -0.44 -5.07
C PHE B 408 27.13 -1.85 -5.01
N LEU B 409 27.99 -2.85 -5.24
CA LEU B 409 27.57 -4.24 -5.22
C LEU B 409 27.72 -4.84 -3.82
N VAL B 410 26.73 -5.63 -3.44
CA VAL B 410 26.73 -6.29 -2.14
C VAL B 410 26.70 -7.80 -2.34
N PHE B 411 27.38 -8.51 -1.45
CA PHE B 411 27.43 -9.96 -1.47
C PHE B 411 27.35 -10.44 -0.04
N ILE B 412 26.54 -11.44 0.23
CA ILE B 412 26.44 -12.03 1.56
C ILE B 412 26.88 -13.46 1.32
N ARG B 413 28.16 -13.74 1.55
CA ARG B 413 28.71 -15.06 1.29
C ARG B 413 29.03 -15.87 2.53
N GLU B 414 29.11 -17.19 2.36
CA GLU B 414 29.49 -18.06 3.46
C GLU B 414 30.93 -18.49 3.13
N VAL B 415 31.85 -18.08 3.98
CA VAL B 415 33.27 -18.34 3.84
C VAL B 415 33.73 -19.76 3.51
N PRO B 416 33.49 -20.73 4.39
CA PRO B 416 33.92 -22.13 4.14
C PRO B 416 33.51 -22.67 2.78
N LEU B 417 32.20 -22.76 2.55
CA LEU B 417 31.65 -23.29 1.31
C LEU B 417 31.77 -22.34 0.12
N ASN B 418 32.16 -21.10 0.38
CA ASN B 418 32.32 -20.09 -0.66
C ASN B 418 31.02 -19.88 -1.43
N THR B 419 29.89 -20.05 -0.74
CA THR B 419 28.57 -19.92 -1.36
C THR B 419 27.98 -18.52 -1.28
N ILE B 420 27.42 -18.06 -2.40
CA ILE B 420 26.78 -16.75 -2.45
C ILE B 420 25.34 -16.94 -2.00
N ILE B 421 25.01 -16.43 -0.82
CA ILE B 421 23.66 -16.56 -0.29
C ILE B 421 22.75 -15.50 -0.92
N PHE B 422 23.16 -14.25 -0.81
CA PHE B 422 22.43 -13.10 -1.36
C PHE B 422 23.43 -12.30 -2.18
N MET B 423 22.95 -11.57 -3.17
CA MET B 423 23.82 -10.75 -4.01
C MET B 423 22.98 -9.67 -4.67
N GLY B 424 23.57 -8.50 -4.89
CA GLY B 424 22.82 -7.43 -5.51
C GLY B 424 23.60 -6.14 -5.71
N ARG B 425 22.87 -5.06 -5.96
CA ARG B 425 23.43 -3.74 -6.21
C ARG B 425 22.51 -2.71 -5.56
N VAL B 426 23.04 -1.96 -4.60
CA VAL B 426 22.26 -0.94 -3.92
C VAL B 426 22.46 0.40 -4.59
N ALA B 427 21.47 0.83 -5.37
CA ALA B 427 21.53 2.11 -6.07
C ALA B 427 20.84 3.23 -5.29
N ASN B 428 19.89 2.85 -4.46
CA ASN B 428 19.14 3.82 -3.66
C ASN B 428 19.25 3.41 -2.21
N PRO B 429 20.11 4.08 -1.44
CA PRO B 429 20.33 3.81 -0.02
C PRO B 429 19.38 4.57 0.90
N CYS B 430 18.64 5.52 0.35
CA CYS B 430 17.70 6.31 1.15
C CYS B 430 16.44 5.54 1.48
N VAL B 431 15.84 5.89 2.61
CA VAL B 431 14.62 5.27 3.09
C VAL B 431 13.83 6.35 3.83
#